data_8X7S
#
_entry.id   8X7S
#
_cell.length_a   99.304
_cell.length_b   99.304
_cell.length_c   310.684
_cell.angle_alpha   90.00
_cell.angle_beta   90.00
_cell.angle_gamma   90.00
#
_symmetry.space_group_name_H-M   'P 41 21 2'
#
_entity_poly.entity_id   1
_entity_poly.type   'polypeptide(L)'
_entity_poly.pdbx_seq_one_letter_code
;MGSSHHHHHHSSGLVPRGSHMKAMILAAGKGTRVRPITYTIPKPMIPILQKPVMEFLVELLRQHGFNQIMVNVSHLAHEI
ESYFQDGQRFGVEIAYSFEGYIKDGELVGKALGSAGGIKRIQDFNPFFDDTFVVLCGDALIDLDLTAAVAWHRQKGAIAT
VVMKTVPREDVSSYGVVVTDKSDRIVAFQEKPSVEEALSNHINTGIYIFEPEVIDYIPSNQEYDIGSQLFPKLVEMGAPF
YGLAMDFEWIDIGKVPDYWQAVRGVLNGTIKNVSIPGHEQFPGIYTGLNVAVNWDKVTIQGPVYIGGMTKIEDGATIIGP
TMIGPNCHICSGAVVDNCVIFEYSRLGSDVRLVDKLVFGRYCVDKTGTTIDLKAAALDWLITDSRQTDIQLSPLELKEMM
S
;
_entity_poly.pdbx_strand_id   B,A,C
#
# COMPACT_ATOMS: atom_id res chain seq x y z
N SER A 11 44.30 -37.34 22.35
CA SER A 11 44.34 -35.90 22.10
C SER A 11 44.04 -35.13 23.39
N SER A 12 43.26 -34.05 23.27
CA SER A 12 42.98 -33.20 24.42
C SER A 12 41.70 -32.41 24.18
N GLY A 13 40.91 -32.26 25.23
CA GLY A 13 39.77 -31.36 25.22
C GLY A 13 40.12 -30.06 25.90
N LEU A 14 40.63 -29.10 25.13
CA LEU A 14 41.15 -27.86 25.70
C LEU A 14 40.00 -26.90 26.01
N VAL A 15 40.35 -25.66 26.33
CA VAL A 15 39.34 -24.65 26.64
C VAL A 15 38.58 -24.27 25.37
N PRO A 16 37.28 -24.05 25.43
CA PRO A 16 36.59 -23.26 24.41
C PRO A 16 36.70 -21.76 24.64
N ARG A 17 37.47 -21.35 25.65
CA ARG A 17 37.58 -19.95 26.03
C ARG A 17 38.23 -19.11 24.93
N GLY A 18 39.12 -19.71 24.15
CA GLY A 18 39.79 -19.04 23.05
C GLY A 18 40.41 -17.71 23.45
N SER A 19 39.60 -16.66 23.40
CA SER A 19 39.93 -15.36 23.99
C SER A 19 38.89 -14.89 24.98
N HIS A 20 37.64 -15.34 24.84
CA HIS A 20 36.45 -15.06 25.63
C HIS A 20 35.98 -13.61 25.55
N MET A 21 36.67 -12.74 24.81
CA MET A 21 36.17 -11.39 24.58
C MET A 21 35.29 -11.44 23.34
N LYS A 22 33.98 -11.37 23.57
CA LYS A 22 33.02 -11.50 22.45
C LYS A 22 32.53 -10.12 22.00
N ALA A 23 31.96 -10.08 20.81
CA ALA A 23 31.45 -8.84 20.24
C ALA A 23 30.39 -9.14 19.18
N MET A 24 29.74 -8.08 18.71
CA MET A 24 28.69 -8.22 17.71
C MET A 24 28.58 -6.96 16.87
N ILE A 25 28.64 -7.14 15.55
CA ILE A 25 28.35 -6.07 14.61
C ILE A 25 26.89 -6.15 14.17
N LEU A 26 26.21 -5.01 14.17
CA LEU A 26 24.84 -4.91 13.65
C LEU A 26 24.91 -4.59 12.17
N ALA A 27 24.45 -5.54 11.34
CA ALA A 27 24.59 -5.44 9.89
C ALA A 27 23.35 -5.99 9.19
N ALA A 28 22.18 -5.70 9.75
CA ALA A 28 20.92 -6.18 9.19
C ALA A 28 20.05 -5.07 8.60
N GLY A 29 20.50 -3.82 8.67
CA GLY A 29 19.66 -2.71 8.23
C GLY A 29 19.44 -2.71 6.74
N LYS A 30 18.23 -2.25 6.36
CA LYS A 30 17.89 -2.12 4.94
C LYS A 30 18.82 -1.15 4.23
N GLY A 31 19.22 -0.07 4.92
CA GLY A 31 20.05 0.94 4.30
C GLY A 31 19.27 1.92 3.43
N THR A 32 18.03 2.23 3.81
CA THR A 32 17.17 3.05 2.97
C THR A 32 17.77 4.44 2.74
N ARG A 33 18.60 4.92 3.65
CA ARG A 33 19.20 6.24 3.52
C ARG A 33 20.31 6.29 2.48
N VAL A 34 20.81 5.13 2.03
CA VAL A 34 21.91 5.08 1.08
C VAL A 34 21.45 4.59 -0.29
N ARG A 35 20.15 4.41 -0.46
CA ARG A 35 19.59 4.01 -1.77
C ARG A 35 19.88 5.10 -2.80
N PRO A 36 20.34 4.81 -4.05
CA PRO A 36 20.14 3.49 -4.68
C PRO A 36 21.30 2.51 -4.51
N ILE A 37 22.33 2.88 -3.75
CA ILE A 37 23.46 1.97 -3.57
C ILE A 37 23.05 0.73 -2.80
N THR A 38 22.18 0.88 -1.79
CA THR A 38 21.74 -0.28 -1.03
C THR A 38 20.75 -1.17 -1.77
N TYR A 39 20.51 -0.99 -3.07
CA TYR A 39 19.66 -1.94 -3.79
C TYR A 39 20.40 -3.26 -4.02
N THR A 40 21.70 -3.19 -4.34
CA THR A 40 22.49 -4.37 -4.62
C THR A 40 23.64 -4.60 -3.64
N ILE A 41 24.03 -3.59 -2.86
CA ILE A 41 25.07 -3.73 -1.86
C ILE A 41 24.52 -3.26 -0.52
N PRO A 42 24.62 -4.04 0.56
CA PRO A 42 24.08 -3.60 1.85
C PRO A 42 24.77 -2.34 2.36
N LYS A 43 24.38 -1.87 3.55
CA LYS A 43 25.02 -0.65 4.04
C LYS A 43 26.43 -0.95 4.53
N PRO A 44 26.70 -2.09 5.18
CA PRO A 44 28.08 -2.59 5.21
C PRO A 44 28.47 -3.08 3.84
N MET A 45 29.69 -3.60 3.68
CA MET A 45 30.18 -4.08 2.39
C MET A 45 30.32 -2.97 1.36
N ILE A 46 29.84 -1.77 1.69
CA ILE A 46 30.01 -0.60 0.82
C ILE A 46 31.51 -0.30 0.81
N PRO A 47 32.18 -0.43 -0.33
CA PRO A 47 33.64 -0.37 -0.36
C PRO A 47 34.13 1.07 -0.24
N ILE A 48 34.97 1.32 0.78
CA ILE A 48 35.77 2.55 0.81
C ILE A 48 36.97 2.27 -0.07
N LEU A 49 36.95 2.84 -1.28
CA LEU A 49 37.87 2.46 -2.35
C LEU A 49 37.72 0.97 -2.63
N GLN A 50 38.45 0.11 -1.91
CA GLN A 50 38.31 -1.33 -2.10
C GLN A 50 37.96 -2.08 -0.82
N LYS A 51 38.52 -1.70 0.32
CA LYS A 51 38.16 -2.38 1.57
C LYS A 51 36.74 -2.02 1.99
N PRO A 52 35.90 -3.01 2.31
CA PRO A 52 34.55 -2.71 2.76
C PRO A 52 34.57 -2.07 4.15
N VAL A 53 33.47 -1.37 4.45
CA VAL A 53 33.35 -0.70 5.75
C VAL A 53 33.43 -1.71 6.89
N MET A 54 32.80 -2.86 6.73
CA MET A 54 32.74 -3.85 7.80
C MET A 54 34.11 -4.45 8.10
N GLU A 55 34.93 -4.63 7.06
CA GLU A 55 36.30 -5.12 7.26
C GLU A 55 37.09 -4.23 8.22
N PHE A 56 36.90 -2.90 8.13
CA PHE A 56 37.55 -2.01 9.10
C PHE A 56 37.13 -2.34 10.53
N LEU A 57 35.85 -2.61 10.75
CA LEU A 57 35.38 -2.90 12.11
C LEU A 57 35.92 -4.24 12.59
N VAL A 58 35.89 -5.27 11.73
CA VAL A 58 36.39 -6.58 12.11
C VAL A 58 37.88 -6.50 12.44
N GLU A 59 38.66 -5.83 11.56
CA GLU A 59 40.07 -5.66 11.83
C GLU A 59 40.35 -4.80 13.06
N LEU A 60 39.38 -3.97 13.46
CA LEU A 60 39.52 -3.22 14.70
C LEU A 60 39.22 -4.07 15.92
N LEU A 61 38.17 -4.90 15.84
CA LEU A 61 37.87 -5.82 16.94
C LEU A 61 38.97 -6.83 17.13
N ARG A 62 39.62 -7.25 16.05
CA ARG A 62 40.78 -8.14 16.16
C ARG A 62 41.94 -7.43 16.82
N GLN A 63 42.19 -6.16 16.46
CA GLN A 63 43.24 -5.37 17.10
C GLN A 63 43.08 -5.34 18.61
N HIS A 64 41.86 -5.48 19.11
CA HIS A 64 41.57 -5.34 20.54
C HIS A 64 41.10 -6.66 21.16
N GLY A 65 41.42 -7.79 20.54
CA GLY A 65 41.14 -9.09 21.12
C GLY A 65 39.72 -9.58 21.00
N PHE A 66 38.83 -8.85 20.34
CA PHE A 66 37.46 -9.31 20.15
C PHE A 66 37.40 -10.15 18.88
N ASN A 67 37.83 -11.40 19.03
CA ASN A 67 37.97 -12.33 17.92
C ASN A 67 36.81 -13.32 17.81
N GLN A 68 35.85 -13.27 18.72
CA GLN A 68 34.65 -14.10 18.66
C GLN A 68 33.49 -13.16 18.34
N ILE A 69 33.18 -13.06 17.05
CA ILE A 69 32.29 -12.03 16.53
C ILE A 69 30.98 -12.68 16.09
N MET A 70 29.87 -12.09 16.52
CA MET A 70 28.54 -12.45 16.04
C MET A 70 28.04 -11.34 15.13
N VAL A 71 27.36 -11.72 14.05
CA VAL A 71 26.85 -10.77 13.06
C VAL A 71 25.41 -11.13 12.74
N ASN A 72 24.51 -10.17 12.90
CA ASN A 72 23.12 -10.34 12.50
C ASN A 72 22.91 -9.71 11.14
N VAL A 73 22.23 -10.43 10.25
CA VAL A 73 22.04 -10.02 8.87
C VAL A 73 20.59 -10.22 8.45
N SER A 74 20.15 -9.39 7.51
CA SER A 74 18.82 -9.51 6.94
C SER A 74 18.80 -9.03 5.50
N HIS A 75 18.90 -7.72 5.30
CA HIS A 75 18.93 -7.16 3.95
C HIS A 75 20.23 -7.51 3.26
N LEU A 76 20.13 -8.12 2.08
CA LEU A 76 21.28 -8.54 1.28
C LEU A 76 22.26 -9.35 2.13
N ALA A 77 21.74 -10.40 2.77
CA ALA A 77 22.54 -11.21 3.68
C ALA A 77 23.69 -11.88 2.93
N HIS A 78 23.43 -12.36 1.71
CA HIS A 78 24.41 -13.13 0.97
C HIS A 78 25.66 -12.33 0.67
N GLU A 79 25.53 -11.00 0.52
CA GLU A 79 26.72 -10.18 0.30
C GLU A 79 27.62 -10.13 1.52
N ILE A 80 27.04 -10.17 2.72
CA ILE A 80 27.85 -10.14 3.94
C ILE A 80 28.46 -11.50 4.21
N GLU A 81 27.64 -12.56 4.19
CA GLU A 81 28.12 -13.87 4.57
C GLU A 81 29.06 -14.48 3.55
N SER A 82 29.01 -14.04 2.28
CA SER A 82 29.94 -14.57 1.29
C SER A 82 31.35 -13.99 1.46
N TYR A 83 31.45 -12.75 1.93
CA TYR A 83 32.74 -12.08 1.98
C TYR A 83 33.53 -12.45 3.23
N PHE A 84 32.86 -12.54 4.37
CA PHE A 84 33.54 -12.83 5.63
C PHE A 84 33.52 -14.31 5.96
N GLN A 85 32.37 -14.95 5.84
CA GLN A 85 32.19 -16.38 6.15
C GLN A 85 32.59 -16.59 7.61
N ASP A 86 33.24 -17.71 7.94
CA ASP A 86 33.59 -17.98 9.33
C ASP A 86 34.65 -17.03 9.87
N GLY A 87 35.47 -16.44 9.00
CA GLY A 87 36.41 -15.41 9.41
C GLY A 87 37.85 -15.85 9.56
N GLN A 88 38.22 -17.04 9.09
CA GLN A 88 39.61 -17.48 9.13
C GLN A 88 40.56 -16.42 8.63
N ARG A 89 40.29 -15.89 7.44
CA ARG A 89 41.20 -14.97 6.76
C ARG A 89 41.35 -13.65 7.50
N PHE A 90 40.37 -13.27 8.32
CA PHE A 90 40.49 -12.07 9.15
C PHE A 90 40.99 -12.37 10.55
N GLY A 91 41.38 -13.61 10.83
CA GLY A 91 41.88 -13.97 12.14
C GLY A 91 40.87 -13.89 13.25
N VAL A 92 39.59 -14.07 12.95
CA VAL A 92 38.51 -14.02 13.93
C VAL A 92 37.52 -15.14 13.61
N GLU A 93 36.52 -15.29 14.48
CA GLU A 93 35.43 -16.23 14.27
C GLU A 93 34.12 -15.45 14.13
N ILE A 94 33.35 -15.76 13.10
CA ILE A 94 32.14 -15.02 12.77
C ILE A 94 31.00 -16.00 12.56
N ALA A 95 29.88 -15.78 13.24
CA ALA A 95 28.65 -16.49 13.02
C ALA A 95 27.54 -15.51 12.69
N TYR A 96 26.49 -15.99 12.04
CA TYR A 96 25.44 -15.14 11.50
C TYR A 96 24.08 -15.51 12.05
N SER A 97 23.35 -14.50 12.53
CA SER A 97 21.96 -14.62 12.95
C SER A 97 21.09 -13.98 11.88
N PHE A 98 20.37 -14.81 11.12
CA PHE A 98 19.50 -14.30 10.06
C PHE A 98 18.17 -13.87 10.64
N GLU A 99 17.73 -12.68 10.27
CA GLU A 99 16.49 -12.09 10.78
C GLU A 99 15.46 -12.03 9.64
N GLY A 100 14.63 -13.07 9.54
CA GLY A 100 13.59 -13.09 8.55
C GLY A 100 12.89 -14.44 8.55
N TYR A 101 12.13 -14.68 7.50
CA TYR A 101 11.43 -15.95 7.31
C TYR A 101 10.96 -16.05 5.86
N ILE A 102 10.85 -17.29 5.39
CA ILE A 102 10.60 -17.59 3.98
C ILE A 102 9.11 -17.76 3.72
N LYS A 103 8.70 -17.41 2.50
CA LYS A 103 7.34 -17.61 2.03
C LYS A 103 7.36 -17.69 0.52
N ASP A 104 6.76 -18.75 -0.04
CA ASP A 104 6.66 -18.96 -1.48
C ASP A 104 8.04 -19.12 -2.13
N GLY A 105 8.96 -19.76 -1.41
CA GLY A 105 10.30 -20.01 -1.91
C GLY A 105 11.24 -18.83 -1.88
N GLU A 106 10.72 -17.60 -1.85
CA GLU A 106 11.54 -16.40 -1.82
C GLU A 106 11.92 -16.04 -0.39
N LEU A 107 13.06 -15.36 -0.27
CA LEU A 107 13.65 -15.03 1.03
C LEU A 107 13.30 -13.59 1.37
N VAL A 108 12.50 -13.40 2.41
CA VAL A 108 12.01 -12.10 2.83
C VAL A 108 12.81 -11.63 4.02
N GLY A 109 13.25 -10.38 4.00
CA GLY A 109 13.97 -9.80 5.12
C GLY A 109 13.03 -9.23 6.14
N LYS A 110 13.23 -9.61 7.41
CA LYS A 110 12.38 -9.20 8.52
C LYS A 110 13.31 -8.80 9.67
N ALA A 111 13.72 -7.53 9.67
CA ALA A 111 14.65 -7.06 10.69
C ALA A 111 14.01 -7.06 12.06
N LEU A 112 14.80 -7.44 13.08
CA LEU A 112 14.33 -7.55 14.44
C LEU A 112 14.69 -6.35 15.30
N GLY A 113 15.34 -5.35 14.73
CA GLY A 113 15.79 -4.20 15.49
C GLY A 113 17.21 -4.39 16.02
N SER A 114 17.80 -3.26 16.43
CA SER A 114 19.16 -3.29 16.95
C SER A 114 19.25 -4.11 18.24
N ALA A 115 18.27 -3.95 19.13
CA ALA A 115 18.24 -4.72 20.37
C ALA A 115 17.57 -6.07 20.21
N GLY A 116 16.54 -6.15 19.36
CA GLY A 116 15.84 -7.42 19.17
C GLY A 116 16.72 -8.49 18.54
N GLY A 117 17.63 -8.09 17.65
CA GLY A 117 18.53 -9.04 17.04
C GLY A 117 19.48 -9.67 18.03
N ILE A 118 19.86 -8.92 19.07
CA ILE A 118 20.68 -9.47 20.14
C ILE A 118 19.88 -10.47 20.95
N LYS A 119 18.61 -10.16 21.21
CA LYS A 119 17.77 -11.07 21.98
C LYS A 119 17.59 -12.40 21.28
N ARG A 120 17.45 -12.37 19.94
CA ARG A 120 17.31 -13.62 19.19
C ARG A 120 18.54 -14.50 19.37
N ILE A 121 19.73 -13.90 19.42
CA ILE A 121 20.96 -14.66 19.55
C ILE A 121 21.01 -15.35 20.91
N GLN A 122 20.74 -14.60 21.98
CA GLN A 122 20.79 -15.19 23.31
C GLN A 122 19.65 -16.19 23.54
N ASP A 123 18.46 -15.88 23.01
CA ASP A 123 17.34 -16.80 23.18
C ASP A 123 17.53 -18.07 22.37
N PHE A 124 18.18 -17.98 21.22
CA PHE A 124 18.53 -19.17 20.45
C PHE A 124 19.46 -20.07 21.26
N ASN A 125 20.57 -19.52 21.73
CA ASN A 125 21.52 -20.23 22.58
C ASN A 125 22.27 -19.19 23.40
N PRO A 126 22.39 -19.38 24.72
CA PRO A 126 23.10 -18.39 25.54
C PRO A 126 24.55 -18.25 25.12
N PHE A 127 24.88 -17.10 24.53
CA PHE A 127 26.18 -16.89 23.90
C PHE A 127 26.99 -15.77 24.54
N PHE A 128 26.35 -14.65 24.87
CA PHE A 128 27.04 -13.53 25.51
C PHE A 128 27.14 -13.82 27.01
N ASP A 129 28.36 -14.01 27.51
CA ASP A 129 28.57 -14.41 28.89
C ASP A 129 29.44 -13.45 29.69
N ASP A 130 30.17 -12.58 29.00
CA ASP A 130 30.99 -11.54 29.67
C ASP A 130 30.85 -10.27 28.84
N THR A 131 31.39 -9.16 29.32
CA THR A 131 31.21 -7.85 28.64
C THR A 131 31.38 -7.99 27.11
N PHE A 132 30.43 -7.45 26.35
CA PHE A 132 30.50 -7.57 24.87
C PHE A 132 30.37 -6.21 24.20
N VAL A 133 31.15 -5.98 23.13
CA VAL A 133 31.02 -4.74 22.38
C VAL A 133 30.05 -4.96 21.24
N VAL A 134 29.11 -4.03 21.07
CA VAL A 134 28.22 -4.01 19.92
C VAL A 134 28.41 -2.67 19.21
N LEU A 135 28.42 -2.73 17.88
CA LEU A 135 28.75 -1.54 17.09
C LEU A 135 28.13 -1.69 15.71
N CYS A 136 27.49 -0.62 15.24
CA CYS A 136 26.86 -0.64 13.92
C CYS A 136 27.90 -0.80 12.84
N GLY A 137 27.63 -1.67 11.87
CA GLY A 137 28.59 -1.98 10.83
C GLY A 137 28.47 -1.11 9.60
N ASP A 138 27.98 0.12 9.78
CA ASP A 138 27.81 1.06 8.67
C ASP A 138 28.58 2.35 8.92
N ALA A 139 29.66 2.27 9.70
CA ALA A 139 30.48 3.44 10.00
C ALA A 139 31.83 2.94 10.48
N LEU A 140 32.90 3.29 9.76
CA LEU A 140 34.23 2.87 10.14
C LEU A 140 34.78 3.74 11.28
N ILE A 141 35.45 3.10 12.23
CA ILE A 141 35.91 3.74 13.45
C ILE A 141 37.32 3.27 13.78
N ASP A 142 37.99 4.00 14.68
CA ASP A 142 39.33 3.64 15.12
C ASP A 142 39.51 3.78 16.63
N LEU A 143 38.43 3.69 17.40
CA LEU A 143 38.50 3.82 18.85
C LEU A 143 39.47 2.80 19.44
N ASP A 144 40.09 3.18 20.55
CA ASP A 144 40.91 2.27 21.34
C ASP A 144 39.93 1.51 22.22
N LEU A 145 39.51 0.33 21.77
CA LEU A 145 38.51 -0.44 22.49
C LEU A 145 39.01 -0.85 23.87
N THR A 146 40.15 -1.53 23.93
CA THR A 146 40.74 -1.96 25.20
C THR A 146 41.19 -0.71 25.96
N ALA A 147 40.19 -0.03 26.54
CA ALA A 147 40.31 1.24 27.23
C ALA A 147 38.90 1.72 27.54
N ALA A 148 38.05 1.73 26.52
CA ALA A 148 36.63 2.03 26.73
C ALA A 148 35.92 0.86 27.39
N VAL A 149 36.23 -0.37 26.98
CA VAL A 149 35.66 -1.54 27.64
C VAL A 149 36.18 -1.62 29.07
N ALA A 150 37.45 -1.31 29.28
CA ALA A 150 38.02 -1.22 30.62
C ALA A 150 37.50 -0.04 31.42
N TRP A 151 36.80 0.91 30.77
CA TRP A 151 36.32 2.09 31.47
C TRP A 151 35.02 1.85 32.23
N HIS A 152 34.09 1.07 31.67
CA HIS A 152 32.87 0.75 32.42
C HIS A 152 33.08 -0.39 33.40
N ARG A 153 34.28 -0.97 33.45
CA ARG A 153 34.55 -2.06 34.39
C ARG A 153 34.70 -1.55 35.81
N GLN A 154 35.37 -0.41 36.01
CA GLN A 154 35.55 0.09 37.37
C GLN A 154 34.29 0.73 37.93
N LYS A 155 33.36 1.17 37.07
CA LYS A 155 32.10 1.71 37.52
C LYS A 155 30.99 0.65 37.54
N GLY A 156 31.22 -0.51 36.96
CA GLY A 156 30.23 -1.57 36.99
C GLY A 156 29.01 -1.31 36.13
N ALA A 157 29.18 -0.64 34.99
CA ALA A 157 28.05 -0.28 34.16
C ALA A 157 27.46 -1.51 33.48
N ILE A 158 26.12 -1.55 33.43
CA ILE A 158 25.42 -2.56 32.65
C ILE A 158 25.33 -2.16 31.18
N ALA A 159 25.54 -0.89 30.87
CA ALA A 159 25.46 -0.40 29.50
C ALA A 159 26.22 0.92 29.42
N THR A 160 26.96 1.10 28.33
CA THR A 160 27.80 2.28 28.17
C THR A 160 27.77 2.74 26.72
N VAL A 161 27.44 4.02 26.51
CA VAL A 161 27.44 4.62 25.19
C VAL A 161 28.69 5.45 25.03
N VAL A 162 29.41 5.24 23.93
CA VAL A 162 30.57 6.06 23.59
C VAL A 162 30.07 7.23 22.74
N MET A 163 30.50 8.44 23.07
CA MET A 163 29.94 9.65 22.51
C MET A 163 31.00 10.44 21.74
N LYS A 164 30.61 10.94 20.58
CA LYS A 164 31.42 11.88 19.83
C LYS A 164 30.81 13.27 19.94
N THR A 165 31.66 14.29 19.89
CA THR A 165 31.23 15.68 20.00
C THR A 165 31.08 16.24 18.59
N VAL A 166 29.85 16.55 18.22
CA VAL A 166 29.54 17.10 16.90
C VAL A 166 29.37 18.61 17.06
N PRO A 167 29.39 19.40 15.98
CA PRO A 167 29.17 20.84 16.14
C PRO A 167 27.81 21.14 16.76
N ARG A 168 27.69 22.37 17.25
CA ARG A 168 26.47 22.79 17.94
C ARG A 168 25.26 22.74 17.01
N GLU A 169 25.47 22.76 15.69
CA GLU A 169 24.39 22.80 14.73
C GLU A 169 23.90 21.41 14.33
N ASP A 170 24.79 20.42 14.32
CA ASP A 170 24.47 19.07 13.85
C ASP A 170 23.89 18.19 14.96
N VAL A 171 23.35 18.79 16.03
CA VAL A 171 22.72 18.00 17.09
C VAL A 171 21.36 17.46 16.70
N SER A 172 20.82 17.90 15.56
CA SER A 172 19.51 17.48 15.08
C SER A 172 19.56 16.25 14.19
N SER A 173 20.74 15.66 13.99
CA SER A 173 20.89 14.49 13.15
C SER A 173 21.00 13.18 13.93
N TYR A 174 21.45 13.23 15.18
CA TYR A 174 21.66 12.04 15.99
C TYR A 174 20.82 12.11 17.26
N GLY A 175 20.82 11.00 17.98
CA GLY A 175 20.19 10.96 19.29
C GLY A 175 21.17 11.54 20.30
N VAL A 176 20.69 12.45 21.13
CA VAL A 176 21.54 13.18 22.05
C VAL A 176 21.58 12.46 23.39
N VAL A 177 22.76 12.45 23.99
CA VAL A 177 23.00 11.80 25.27
C VAL A 177 23.35 12.85 26.30
N VAL A 178 22.60 12.88 27.40
CA VAL A 178 22.81 13.82 28.50
C VAL A 178 23.38 13.05 29.69
N THR A 179 24.51 13.51 30.21
CA THR A 179 25.14 12.89 31.37
C THR A 179 25.38 13.94 32.43
N ASP A 180 25.31 13.52 33.69
CA ASP A 180 25.62 14.40 34.83
C ASP A 180 27.12 14.41 35.10
N LYS A 181 27.50 14.66 36.36
CA LYS A 181 28.90 14.68 36.73
C LYS A 181 29.45 13.31 37.08
N SER A 182 28.58 12.33 37.33
CA SER A 182 29.00 10.94 37.47
C SER A 182 29.20 10.26 36.12
N ASP A 183 29.07 10.99 35.02
CA ASP A 183 29.06 10.42 33.67
C ASP A 183 27.90 9.45 33.50
N ARG A 184 26.83 9.67 34.25
CA ARG A 184 25.66 8.80 34.23
C ARG A 184 24.60 9.42 33.33
N ILE A 185 24.04 8.60 32.44
CA ILE A 185 23.05 9.07 31.48
C ILE A 185 21.71 9.27 32.20
N VAL A 186 21.06 10.41 31.94
CA VAL A 186 19.86 10.79 32.66
C VAL A 186 18.72 11.07 31.70
N ALA A 187 19.03 11.46 30.47
CA ALA A 187 18.00 11.81 29.50
C ALA A 187 18.51 11.58 28.09
N PHE A 188 17.57 11.37 27.18
CA PHE A 188 17.84 11.19 25.76
C PHE A 188 17.09 12.24 24.95
N GLN A 189 17.48 12.37 23.68
CA GLN A 189 16.88 13.38 22.80
C GLN A 189 17.12 12.95 21.36
N GLU A 190 16.10 12.41 20.71
CA GLU A 190 16.20 11.95 19.33
C GLU A 190 15.93 13.11 18.39
N LYS A 191 16.95 13.50 17.64
CA LYS A 191 16.87 14.58 16.66
C LYS A 191 16.18 15.85 17.19
N PRO A 192 16.75 16.51 18.19
CA PRO A 192 16.21 17.80 18.63
C PRO A 192 16.93 18.95 17.95
N SER A 193 16.24 20.09 17.90
CA SER A 193 16.80 21.26 17.22
C SER A 193 18.04 21.77 17.97
N VAL A 194 18.66 22.81 17.42
CA VAL A 194 19.89 23.32 18.00
C VAL A 194 19.62 23.91 19.39
N GLU A 195 18.50 24.60 19.54
CA GLU A 195 18.12 25.14 20.84
C GLU A 195 17.50 24.06 21.73
N GLU A 196 16.77 23.12 21.13
CA GLU A 196 16.10 22.08 21.91
C GLU A 196 17.10 21.13 22.55
N ALA A 197 18.21 20.85 21.87
CA ALA A 197 19.19 19.90 22.38
C ALA A 197 19.77 20.38 23.70
N LEU A 198 19.99 19.43 24.62
CA LEU A 198 20.53 19.76 25.93
C LEU A 198 22.04 19.63 25.98
N SER A 199 22.60 18.73 25.17
CA SER A 199 24.04 18.55 25.10
C SER A 199 24.44 18.45 23.63
N ASN A 200 25.74 18.29 23.40
CA ASN A 200 26.28 18.08 22.07
C ASN A 200 27.08 16.78 22.03
N HIS A 201 26.61 15.80 22.80
CA HIS A 201 27.17 14.46 22.85
C HIS A 201 26.18 13.52 22.18
N ILE A 202 26.63 12.79 21.18
CA ILE A 202 25.73 12.00 20.34
C ILE A 202 25.99 10.52 20.57
N ASN A 203 24.94 9.73 20.36
CA ASN A 203 25.07 8.28 20.37
C ASN A 203 25.71 7.86 19.05
N THR A 204 26.89 7.25 19.13
CA THR A 204 27.63 6.83 17.94
C THR A 204 27.34 5.39 17.55
N GLY A 205 26.40 4.74 18.23
CA GLY A 205 26.10 3.35 17.93
C GLY A 205 27.21 2.40 18.32
N ILE A 206 28.01 2.78 19.30
CA ILE A 206 29.13 1.97 19.77
C ILE A 206 28.89 1.75 21.26
N TYR A 207 28.24 0.65 21.60
CA TYR A 207 27.86 0.35 22.97
C TYR A 207 28.72 -0.77 23.52
N ILE A 208 28.87 -0.79 24.84
CA ILE A 208 29.60 -1.83 25.56
C ILE A 208 28.67 -2.33 26.65
N PHE A 209 28.13 -3.52 26.45
CA PHE A 209 27.09 -4.00 27.38
C PHE A 209 27.57 -5.16 28.24
N GLU A 210 26.97 -5.31 29.42
CA GLU A 210 27.28 -6.50 30.25
C GLU A 210 26.14 -7.47 30.00
N PRO A 211 26.39 -8.78 29.85
CA PRO A 211 25.37 -9.76 29.49
C PRO A 211 24.02 -9.58 30.18
N GLU A 212 24.01 -8.95 31.34
CA GLU A 212 22.78 -8.84 32.10
C GLU A 212 21.77 -7.88 31.47
N VAL A 213 22.21 -6.96 30.60
CA VAL A 213 21.29 -6.01 29.99
C VAL A 213 20.30 -6.69 29.06
N ILE A 214 20.65 -7.85 28.52
CA ILE A 214 19.77 -8.57 27.60
C ILE A 214 18.49 -9.05 28.25
N ASP A 215 18.42 -9.02 29.58
CA ASP A 215 17.18 -9.38 30.26
C ASP A 215 16.10 -8.32 30.05
N TYR A 216 16.49 -7.05 30.01
CA TYR A 216 15.53 -5.97 29.85
C TYR A 216 14.94 -5.91 28.45
N ILE A 217 15.43 -6.70 27.51
CA ILE A 217 14.89 -6.76 26.16
C ILE A 217 13.88 -7.89 26.07
N PRO A 218 12.67 -7.65 25.59
CA PRO A 218 11.67 -8.72 25.53
C PRO A 218 11.93 -9.67 24.37
N SER A 219 11.45 -10.90 24.53
CA SER A 219 11.62 -11.95 23.54
C SER A 219 10.52 -11.88 22.49
N ASN A 220 10.84 -12.40 21.30
CA ASN A 220 9.89 -12.50 20.18
C ASN A 220 9.28 -11.13 19.85
N GLN A 221 10.10 -10.09 19.92
CA GLN A 221 9.66 -8.73 19.66
C GLN A 221 10.73 -7.96 18.92
N GLU A 222 10.32 -7.14 17.96
CA GLU A 222 11.24 -6.16 17.40
C GLU A 222 11.47 -5.07 18.45
N TYR A 223 12.73 -4.68 18.62
CA TYR A 223 13.09 -3.80 19.72
C TYR A 223 14.36 -3.06 19.36
N ASP A 224 14.30 -1.73 19.44
CA ASP A 224 15.43 -0.88 19.11
C ASP A 224 16.22 -0.52 20.36
N ILE A 225 17.48 -0.16 20.15
CA ILE A 225 18.36 0.16 21.26
C ILE A 225 18.08 1.56 21.78
N GLY A 226 18.15 2.56 20.90
CA GLY A 226 18.10 3.94 21.35
C GLY A 226 16.72 4.46 21.67
N SER A 227 15.67 3.90 21.05
CA SER A 227 14.32 4.39 21.23
C SER A 227 13.49 3.55 22.20
N GLN A 228 13.94 2.34 22.54
CA GLN A 228 13.15 1.46 23.39
C GLN A 228 13.95 0.95 24.57
N LEU A 229 15.10 0.33 24.30
CA LEU A 229 15.91 -0.23 25.38
C LEU A 229 16.53 0.85 26.25
N PHE A 230 17.00 1.93 25.64
CA PHE A 230 17.69 2.98 26.39
C PHE A 230 16.71 3.82 27.19
N PRO A 231 15.52 4.15 26.68
CA PRO A 231 14.49 4.70 27.58
C PRO A 231 14.13 3.76 28.70
N LYS A 232 14.04 2.46 28.41
CA LYS A 232 13.78 1.47 29.46
C LYS A 232 14.84 1.49 30.55
N LEU A 233 16.11 1.73 30.16
CA LEU A 233 17.20 1.70 31.12
C LEU A 233 17.26 2.97 31.96
N VAL A 234 16.84 4.11 31.41
CA VAL A 234 16.87 5.36 32.17
C VAL A 234 15.79 5.36 33.24
N GLU A 235 14.61 4.84 32.92
CA GLU A 235 13.50 4.82 33.88
C GLU A 235 13.84 3.94 35.07
N MET A 236 14.28 2.70 34.81
CA MET A 236 14.57 1.76 35.90
C MET A 236 15.83 2.11 36.67
N GLY A 237 16.55 3.16 36.30
CA GLY A 237 17.72 3.59 37.04
C GLY A 237 18.86 2.59 37.06
N ALA A 238 19.24 2.10 35.89
CA ALA A 238 20.34 1.15 35.78
C ALA A 238 21.67 1.88 35.67
N PRO A 239 22.78 1.20 35.99
CA PRO A 239 24.10 1.82 35.79
C PRO A 239 24.40 2.12 34.33
N PHE A 240 23.81 3.20 33.81
CA PHE A 240 23.88 3.54 32.39
C PHE A 240 24.83 4.73 32.26
N TYR A 241 25.98 4.52 31.64
CA TYR A 241 27.05 5.50 31.63
C TYR A 241 27.46 5.87 30.21
N GLY A 242 28.19 6.98 30.10
CA GLY A 242 28.62 7.51 28.81
C GLY A 242 30.07 7.96 28.74
N LEU A 243 30.77 7.57 27.68
CA LEU A 243 32.16 7.91 27.44
C LEU A 243 32.27 8.77 26.19
N ALA A 244 33.35 9.55 26.09
CA ALA A 244 33.52 10.45 24.96
C ALA A 244 34.95 10.48 24.41
N MET A 245 35.40 11.67 23.99
CA MET A 245 36.75 11.98 23.51
C MET A 245 36.93 11.65 22.03
N ASP A 246 37.92 12.30 21.40
CA ASP A 246 38.15 12.25 19.97
C ASP A 246 38.49 10.85 19.45
N PHE A 247 37.84 10.50 18.34
CA PHE A 247 38.11 9.28 17.57
C PHE A 247 37.52 9.48 16.18
N GLU A 248 38.18 8.90 15.17
CA GLU A 248 37.72 9.01 13.80
C GLU A 248 36.40 8.27 13.63
N TRP A 249 35.37 9.00 13.16
CA TRP A 249 34.03 8.44 13.00
C TRP A 249 33.47 8.89 11.66
N ILE A 250 33.41 7.98 10.69
CA ILE A 250 32.88 8.28 9.36
C ILE A 250 31.51 7.62 9.27
N ASP A 251 30.46 8.40 9.52
CA ASP A 251 29.09 7.93 9.41
C ASP A 251 28.58 8.24 8.00
N ILE A 252 28.37 7.20 7.20
CA ILE A 252 27.78 7.35 5.87
C ILE A 252 26.27 7.39 6.06
N GLY A 253 25.71 8.60 6.16
CA GLY A 253 24.29 8.74 6.37
C GLY A 253 23.51 8.61 5.09
N LYS A 254 23.71 9.55 4.16
CA LYS A 254 23.10 9.49 2.85
C LYS A 254 24.19 9.34 1.79
N VAL A 255 23.77 9.13 0.55
CA VAL A 255 24.67 8.83 -0.56
C VAL A 255 25.77 9.90 -0.72
N PRO A 256 25.46 11.20 -0.66
CA PRO A 256 26.55 12.19 -0.75
C PRO A 256 27.61 12.04 0.33
N ASP A 257 27.27 11.50 1.51
CA ASP A 257 28.29 11.28 2.53
C ASP A 257 29.30 10.24 2.10
N TYR A 258 28.88 9.24 1.32
CA TYR A 258 29.82 8.28 0.78
C TYR A 258 30.70 8.91 -0.30
N TRP A 259 30.10 9.80 -1.11
CA TRP A 259 30.88 10.53 -2.09
C TRP A 259 31.95 11.39 -1.42
N GLN A 260 31.62 12.00 -0.28
CA GLN A 260 32.60 12.80 0.46
C GLN A 260 33.70 11.93 1.05
N ALA A 261 33.36 10.75 1.55
CA ALA A 261 34.34 9.91 2.23
C ALA A 261 35.42 9.41 1.29
N VAL A 262 35.03 8.98 0.09
CA VAL A 262 36.02 8.48 -0.87
C VAL A 262 37.00 9.58 -1.25
N ARG A 263 36.49 10.79 -1.49
CA ARG A 263 37.36 11.92 -1.80
C ARG A 263 38.25 12.25 -0.60
N GLY A 264 37.68 12.22 0.61
CA GLY A 264 38.47 12.54 1.79
C GLY A 264 39.67 11.64 1.96
N VAL A 265 39.50 10.34 1.64
CA VAL A 265 40.64 9.43 1.67
C VAL A 265 41.64 9.79 0.59
N LEU A 266 41.16 10.27 -0.56
CA LEU A 266 42.06 10.66 -1.63
C LEU A 266 42.81 11.95 -1.30
N ASN A 267 42.15 12.88 -0.61
CA ASN A 267 42.85 14.09 -0.17
C ASN A 267 43.88 13.78 0.90
N GLY A 268 43.47 13.03 1.92
CA GLY A 268 44.23 12.86 3.14
C GLY A 268 43.54 13.42 4.36
N THR A 269 42.34 13.99 4.23
CA THR A 269 41.62 14.47 5.39
C THR A 269 41.08 13.32 6.24
N ILE A 270 41.03 12.12 5.67
CA ILE A 270 40.88 10.89 6.42
C ILE A 270 42.25 10.22 6.41
N LYS A 271 42.83 10.04 7.58
CA LYS A 271 44.25 9.70 7.68
C LYS A 271 44.51 8.19 7.73
N ASN A 272 43.79 7.45 8.56
CA ASN A 272 44.16 6.07 8.83
C ASN A 272 43.85 5.11 7.69
N VAL A 273 43.13 5.53 6.66
CA VAL A 273 42.68 4.65 5.59
C VAL A 273 43.74 4.57 4.51
N SER A 274 44.05 3.35 4.09
CA SER A 274 45.02 3.11 3.03
C SER A 274 44.40 3.31 1.65
N ILE A 275 45.27 3.49 0.66
CA ILE A 275 44.88 3.68 -0.74
C ILE A 275 45.37 2.49 -1.55
N PRO A 276 44.52 1.83 -2.34
CA PRO A 276 44.96 0.65 -3.09
C PRO A 276 45.88 0.95 -4.27
N GLY A 277 46.28 -0.09 -5.00
CA GLY A 277 47.26 0.05 -6.08
C GLY A 277 48.61 0.47 -5.54
N HIS A 278 49.53 0.79 -6.46
CA HIS A 278 50.77 1.40 -6.03
C HIS A 278 50.79 2.79 -6.65
N GLU A 279 51.54 3.70 -6.03
CA GLU A 279 51.60 5.07 -6.50
C GLU A 279 52.44 5.12 -7.77
N GLN A 280 51.77 5.18 -8.93
CA GLN A 280 52.48 5.28 -10.20
C GLN A 280 53.15 6.64 -10.33
N PHE A 281 52.40 7.71 -10.07
CA PHE A 281 52.89 9.07 -9.96
C PHE A 281 52.41 9.64 -8.65
N PRO A 282 53.08 10.69 -8.12
CA PRO A 282 52.65 11.26 -6.82
C PRO A 282 51.18 11.60 -6.76
N GLY A 283 50.43 10.85 -5.96
CA GLY A 283 49.01 11.02 -5.81
C GLY A 283 48.16 10.34 -6.85
N ILE A 284 48.76 9.61 -7.78
CA ILE A 284 48.03 8.93 -8.85
C ILE A 284 48.26 7.43 -8.66
N TYR A 285 47.27 6.74 -8.12
CA TYR A 285 47.36 5.32 -7.84
C TYR A 285 46.62 4.55 -8.93
N THR A 286 47.34 3.66 -9.61
CA THR A 286 46.76 2.84 -10.66
C THR A 286 46.55 1.42 -10.16
N GLY A 287 45.55 0.75 -10.74
CA GLY A 287 45.32 -0.65 -10.42
C GLY A 287 46.32 -1.55 -11.12
N LEU A 288 45.81 -2.63 -11.71
CA LEU A 288 46.64 -3.60 -12.43
C LEU A 288 46.20 -3.63 -13.88
N ASN A 289 47.13 -3.39 -14.80
CA ASN A 289 46.87 -3.35 -16.23
C ASN A 289 45.84 -2.28 -16.59
N VAL A 290 46.19 -1.04 -16.29
CA VAL A 290 45.38 0.11 -16.66
C VAL A 290 45.77 0.51 -18.08
N ALA A 291 44.82 0.40 -19.01
CA ALA A 291 45.05 0.75 -20.40
C ALA A 291 44.91 2.26 -20.54
N VAL A 292 46.02 2.98 -20.46
CA VAL A 292 46.02 4.43 -20.55
C VAL A 292 47.27 4.89 -21.27
N ASN A 293 47.14 5.99 -22.00
CA ASN A 293 48.25 6.62 -22.71
C ASN A 293 48.51 7.95 -21.99
N TRP A 294 49.45 7.91 -21.03
CA TRP A 294 49.65 9.03 -20.13
C TRP A 294 50.04 10.32 -20.85
N ASP A 295 50.59 10.21 -22.07
CA ASP A 295 51.00 11.40 -22.81
C ASP A 295 49.80 12.22 -23.26
N LYS A 296 48.78 11.57 -23.82
CA LYS A 296 47.69 12.26 -24.50
C LYS A 296 46.45 12.36 -23.62
N VAL A 297 46.62 12.41 -22.30
CA VAL A 297 45.52 12.58 -21.36
C VAL A 297 45.91 13.61 -20.32
N THR A 298 44.90 14.20 -19.68
CA THR A 298 45.08 15.22 -18.66
C THR A 298 44.51 14.68 -17.35
N ILE A 299 45.38 14.03 -16.56
CA ILE A 299 44.99 13.43 -15.30
C ILE A 299 45.63 14.24 -14.18
N GLN A 300 44.78 14.75 -13.28
CA GLN A 300 45.20 15.63 -12.19
C GLN A 300 44.88 14.95 -10.85
N GLY A 301 45.92 14.54 -10.13
CA GLY A 301 45.76 13.86 -8.86
C GLY A 301 45.02 14.69 -7.83
N PRO A 302 44.55 14.03 -6.76
CA PRO A 302 44.71 12.59 -6.52
C PRO A 302 43.63 11.75 -7.19
N VAL A 303 44.03 10.69 -7.88
CA VAL A 303 43.10 9.88 -8.66
C VAL A 303 43.48 8.41 -8.48
N TYR A 304 42.45 7.57 -8.28
CA TYR A 304 42.61 6.12 -8.29
C TYR A 304 41.89 5.57 -9.51
N ILE A 305 42.59 4.72 -10.27
CA ILE A 305 42.05 4.11 -11.47
C ILE A 305 42.16 2.60 -11.30
N GLY A 306 41.02 1.93 -11.21
CA GLY A 306 41.01 0.48 -11.07
C GLY A 306 41.61 -0.21 -12.28
N GLY A 307 41.96 -1.47 -12.07
CA GLY A 307 42.60 -2.24 -13.12
C GLY A 307 41.69 -2.51 -14.30
N MET A 308 42.31 -2.82 -15.43
CA MET A 308 41.61 -3.11 -16.69
C MET A 308 40.70 -1.97 -17.11
N THR A 309 41.03 -0.75 -16.71
CA THR A 309 40.30 0.45 -17.11
C THR A 309 41.01 1.11 -18.28
N LYS A 310 40.25 1.49 -19.30
CA LYS A 310 40.79 2.17 -20.46
C LYS A 310 40.43 3.64 -20.40
N ILE A 311 41.44 4.50 -20.52
CA ILE A 311 41.27 5.95 -20.58
C ILE A 311 41.76 6.38 -21.95
N GLU A 312 40.83 6.66 -22.85
CA GLU A 312 41.18 7.00 -24.23
C GLU A 312 41.90 8.34 -24.29
N ASP A 313 42.64 8.53 -25.37
CA ASP A 313 43.43 9.75 -25.55
C ASP A 313 42.54 10.98 -25.52
N GLY A 314 43.02 12.03 -24.86
CA GLY A 314 42.27 13.27 -24.78
C GLY A 314 41.25 13.34 -23.67
N ALA A 315 41.35 12.49 -22.66
CA ALA A 315 40.43 12.53 -21.54
C ALA A 315 40.95 13.48 -20.45
N THR A 316 40.07 13.79 -19.50
CA THR A 316 40.40 14.72 -18.42
C THR A 316 39.83 14.17 -17.12
N ILE A 317 40.71 13.77 -16.21
CA ILE A 317 40.31 13.30 -14.88
C ILE A 317 40.99 14.19 -13.85
N ILE A 318 40.18 14.86 -13.04
CA ILE A 318 40.67 15.82 -12.04
C ILE A 318 40.30 15.30 -10.66
N GLY A 319 41.31 15.04 -9.84
CA GLY A 319 41.09 14.51 -8.51
C GLY A 319 40.61 15.56 -7.54
N PRO A 320 40.14 15.10 -6.37
CA PRO A 320 40.02 13.70 -5.94
C PRO A 320 38.93 12.92 -6.65
N THR A 321 39.34 11.90 -7.41
CA THR A 321 38.42 11.11 -8.21
C THR A 321 38.78 9.64 -8.12
N MET A 322 37.79 8.79 -7.88
CA MET A 322 37.95 7.35 -7.97
C MET A 322 37.26 6.86 -9.23
N ILE A 323 37.98 6.05 -10.01
CA ILE A 323 37.43 5.40 -11.20
C ILE A 323 37.59 3.90 -10.99
N GLY A 324 36.48 3.21 -10.76
CA GLY A 324 36.50 1.81 -10.45
C GLY A 324 37.11 0.96 -11.54
N PRO A 325 37.38 -0.31 -11.24
CA PRO A 325 38.00 -1.20 -12.23
C PRO A 325 37.08 -1.46 -13.40
N ASN A 326 37.70 -1.83 -14.53
CA ASN A 326 37.01 -2.23 -15.75
C ASN A 326 36.11 -1.11 -16.27
N CYS A 327 36.65 0.11 -16.30
CA CYS A 327 35.95 1.27 -16.83
C CYS A 327 36.52 1.65 -18.19
N HIS A 328 35.81 2.55 -18.87
CA HIS A 328 36.22 3.02 -20.18
C HIS A 328 35.93 4.51 -20.26
N ILE A 329 36.99 5.33 -20.27
CA ILE A 329 36.87 6.78 -20.37
C ILE A 329 37.17 7.14 -21.82
N CYS A 330 36.12 7.40 -22.60
CA CYS A 330 36.27 7.72 -24.00
C CYS A 330 36.97 9.07 -24.19
N SER A 331 37.41 9.31 -25.42
CA SER A 331 38.11 10.54 -25.75
C SER A 331 37.20 11.76 -25.55
N GLY A 332 37.80 12.87 -25.16
CA GLY A 332 37.05 14.09 -24.96
C GLY A 332 36.14 14.11 -23.76
N ALA A 333 36.28 13.14 -22.85
CA ALA A 333 35.52 13.13 -21.62
C ALA A 333 36.22 13.94 -20.55
N VAL A 334 35.44 14.50 -19.63
CA VAL A 334 35.95 15.36 -18.56
C VAL A 334 35.36 14.86 -17.26
N VAL A 335 36.21 14.31 -16.39
CA VAL A 335 35.81 13.84 -15.07
C VAL A 335 36.39 14.81 -14.06
N ASP A 336 35.53 15.55 -13.37
CA ASP A 336 35.94 16.57 -12.40
C ASP A 336 35.35 16.20 -11.04
N ASN A 337 36.19 15.65 -10.16
CA ASN A 337 35.82 15.45 -8.76
C ASN A 337 34.62 14.50 -8.62
N CYS A 338 34.78 13.30 -9.17
CA CYS A 338 33.69 12.34 -9.22
C CYS A 338 34.13 11.01 -8.61
N VAL A 339 33.15 10.16 -8.33
CA VAL A 339 33.39 8.81 -7.84
C VAL A 339 32.72 7.87 -8.83
N ILE A 340 33.53 7.07 -9.54
CA ILE A 340 33.04 6.15 -10.56
C ILE A 340 33.21 4.74 -10.04
N PHE A 341 32.14 3.94 -10.14
CA PHE A 341 32.18 2.55 -9.72
C PHE A 341 32.57 1.66 -10.89
N GLU A 342 32.67 0.36 -10.61
CA GLU A 342 33.17 -0.59 -11.60
C GLU A 342 32.23 -0.69 -12.80
N TYR A 343 32.82 -1.03 -13.94
CA TYR A 343 32.10 -1.27 -15.20
C TYR A 343 31.21 -0.08 -15.56
N SER A 344 31.88 1.05 -15.84
CA SER A 344 31.22 2.26 -16.29
C SER A 344 31.89 2.75 -17.58
N ARG A 345 31.08 3.24 -18.50
CA ARG A 345 31.56 3.69 -19.81
C ARG A 345 31.14 5.15 -20.00
N LEU A 346 32.11 6.05 -19.89
CA LEU A 346 31.86 7.49 -20.06
C LEU A 346 32.17 7.84 -21.51
N GLY A 347 31.12 8.03 -22.31
CA GLY A 347 31.29 8.29 -23.71
C GLY A 347 31.90 9.66 -23.97
N SER A 348 32.22 9.89 -25.25
CA SER A 348 32.80 11.16 -25.64
C SER A 348 31.83 12.31 -25.36
N ASP A 349 32.41 13.48 -25.05
CA ASP A 349 31.64 14.69 -24.79
C ASP A 349 30.69 14.52 -23.60
N VAL A 350 31.25 14.06 -22.49
CA VAL A 350 30.56 14.03 -21.21
C VAL A 350 31.41 14.79 -20.19
N ARG A 351 30.76 15.55 -19.33
CA ARG A 351 31.44 16.32 -18.29
C ARG A 351 30.74 16.08 -16.97
N LEU A 352 31.32 15.20 -16.15
CA LEU A 352 30.79 14.87 -14.83
C LEU A 352 31.55 15.68 -13.79
N VAL A 353 30.83 16.50 -13.03
CA VAL A 353 31.42 17.31 -11.97
C VAL A 353 30.63 17.06 -10.69
N ASP A 354 31.34 16.63 -9.64
CA ASP A 354 30.74 16.38 -8.32
C ASP A 354 29.59 15.38 -8.43
N LYS A 355 29.88 14.22 -9.02
CA LYS A 355 28.88 13.19 -9.26
C LYS A 355 29.40 11.85 -8.79
N LEU A 356 28.45 10.95 -8.47
CA LEU A 356 28.75 9.56 -8.17
C LEU A 356 27.95 8.68 -9.12
N VAL A 357 28.65 7.85 -9.89
CA VAL A 357 28.03 6.96 -10.86
C VAL A 357 28.09 5.54 -10.29
N PHE A 358 26.94 4.91 -10.16
CA PHE A 358 26.81 3.56 -9.59
C PHE A 358 25.99 2.71 -10.55
N GLY A 359 26.68 1.96 -11.41
CA GLY A 359 26.02 1.10 -12.38
C GLY A 359 25.20 1.87 -13.40
N ARG A 360 23.90 2.01 -13.13
CA ARG A 360 23.00 2.73 -14.01
C ARG A 360 22.45 3.99 -13.36
N TYR A 361 22.92 4.33 -12.16
CA TYR A 361 22.42 5.47 -11.41
C TYR A 361 23.48 6.55 -11.34
N CYS A 362 23.04 7.81 -11.43
CA CYS A 362 23.93 8.97 -11.36
C CYS A 362 23.42 9.87 -10.25
N VAL A 363 24.16 9.94 -9.15
CA VAL A 363 23.78 10.74 -7.99
C VAL A 363 24.72 11.92 -7.86
N ASP A 364 24.15 13.09 -7.60
CA ASP A 364 24.95 14.30 -7.41
C ASP A 364 25.20 14.52 -5.92
N LYS A 365 25.88 15.62 -5.61
CA LYS A 365 26.28 15.91 -4.23
C LYS A 365 25.13 16.34 -3.34
N THR A 366 23.90 16.46 -3.88
CA THR A 366 22.76 16.87 -3.08
C THR A 366 21.78 15.74 -2.81
N GLY A 367 21.92 14.59 -3.47
CA GLY A 367 21.04 13.46 -3.26
C GLY A 367 20.16 13.10 -4.45
N THR A 368 20.08 13.96 -5.46
CA THR A 368 19.27 13.66 -6.63
C THR A 368 19.83 12.43 -7.35
N THR A 369 18.93 11.50 -7.69
CA THR A 369 19.31 10.25 -8.33
C THR A 369 18.68 10.18 -9.72
N ILE A 370 19.51 9.93 -10.73
CA ILE A 370 19.08 9.82 -12.12
C ILE A 370 19.22 8.38 -12.57
N ASP A 371 18.17 7.86 -13.21
CA ASP A 371 18.21 6.52 -13.80
C ASP A 371 18.66 6.67 -15.25
N LEU A 372 19.93 6.33 -15.50
CA LEU A 372 20.50 6.55 -16.84
C LEU A 372 19.81 5.70 -17.90
N LYS A 373 19.40 4.48 -17.54
CA LYS A 373 18.72 3.62 -18.49
C LYS A 373 17.34 4.17 -18.84
N ALA A 374 16.54 4.52 -17.83
CA ALA A 374 15.19 5.02 -18.05
C ALA A 374 15.15 6.42 -18.64
N ALA A 375 16.29 7.01 -19.01
CA ALA A 375 16.33 8.32 -19.65
C ALA A 375 17.03 8.28 -20.99
N ALA A 376 17.31 7.09 -21.52
CA ALA A 376 18.00 6.89 -22.80
C ALA A 376 19.35 7.58 -22.83
N LEU A 377 19.92 7.87 -21.66
CA LEU A 377 21.18 8.57 -21.56
C LEU A 377 22.39 7.64 -21.60
N ASP A 378 22.17 6.37 -21.84
CA ASP A 378 23.28 5.42 -21.91
C ASP A 378 24.08 5.56 -23.22
N TRP A 379 23.80 6.58 -24.02
CA TRP A 379 24.73 7.02 -25.05
C TRP A 379 25.81 7.93 -24.49
N LEU A 380 25.83 8.10 -23.17
CA LEU A 380 26.68 9.10 -22.51
C LEU A 380 27.35 8.46 -21.31
N ILE A 381 26.56 7.74 -20.50
CA ILE A 381 27.08 6.94 -19.39
C ILE A 381 26.34 5.61 -19.43
N THR A 382 27.05 4.54 -19.80
CA THR A 382 26.45 3.21 -19.89
C THR A 382 27.37 2.19 -19.23
N ASP A 383 26.88 0.97 -19.10
CA ASP A 383 27.70 -0.12 -18.60
C ASP A 383 28.76 -0.46 -19.64
N SER A 384 30.02 -0.52 -19.21
CA SER A 384 31.14 -0.68 -20.13
C SER A 384 31.14 -2.01 -20.86
N ARG A 385 30.27 -2.95 -20.49
CA ARG A 385 30.30 -4.30 -21.04
C ARG A 385 29.47 -4.44 -22.31
N GLN A 386 28.88 -3.38 -22.82
CA GLN A 386 28.10 -3.46 -24.04
C GLN A 386 29.02 -3.43 -25.26
N THR A 387 28.88 -4.43 -26.13
CA THR A 387 29.61 -4.41 -27.39
C THR A 387 28.95 -3.49 -28.41
N ASP A 388 27.64 -3.30 -28.30
CA ASP A 388 26.95 -2.31 -29.12
C ASP A 388 27.39 -0.92 -28.69
N ILE A 389 28.18 -0.25 -29.52
CA ILE A 389 28.55 1.13 -29.24
C ILE A 389 27.30 1.97 -29.43
N GLN A 390 26.70 2.40 -28.32
CA GLN A 390 25.39 3.04 -28.37
C GLN A 390 25.53 4.48 -28.85
N LEU A 391 24.84 4.80 -29.93
CA LEU A 391 24.93 6.10 -30.57
C LEU A 391 23.76 7.00 -30.17
N SER A 392 23.92 8.31 -30.44
CA SER A 392 23.09 9.36 -29.87
C SER A 392 21.86 9.66 -30.71
N PRO A 393 20.81 10.25 -30.11
CA PRO A 393 19.62 10.65 -30.88
C PRO A 393 19.92 11.50 -32.09
N LEU A 394 21.03 12.23 -32.09
CA LEU A 394 21.47 12.91 -33.31
C LEU A 394 21.69 11.91 -34.43
N GLU A 395 22.43 10.84 -34.14
CA GLU A 395 22.71 9.83 -35.15
C GLU A 395 21.53 8.90 -35.38
N LEU A 396 20.70 8.66 -34.35
CA LEU A 396 19.47 7.91 -34.59
C LEU A 396 18.62 8.60 -35.66
N LYS A 397 18.61 9.93 -35.65
CA LYS A 397 17.96 10.71 -36.69
C LYS A 397 18.60 10.41 -38.05
N GLU A 398 19.91 10.65 -38.16
CA GLU A 398 20.60 10.54 -39.44
C GLU A 398 20.67 9.11 -39.95
N MET A 399 20.34 8.11 -39.12
CA MET A 399 20.27 6.73 -39.61
C MET A 399 19.05 6.50 -40.50
N MET A 400 17.94 7.20 -40.24
CA MET A 400 16.76 7.06 -41.08
C MET A 400 16.34 8.38 -41.73
N SER A 401 15.68 9.24 -40.94
CA SER A 401 15.18 10.56 -41.35
C SER A 401 15.67 11.12 -42.69
N LEU B 14 -29.17 15.08 18.08
CA LEU B 14 -28.24 13.97 17.95
C LEU B 14 -26.80 14.49 17.83
N VAL B 15 -26.58 15.50 16.98
CA VAL B 15 -25.31 16.20 16.88
C VAL B 15 -25.67 17.68 16.76
N PRO B 16 -24.72 18.62 16.69
CA PRO B 16 -25.11 20.03 16.47
C PRO B 16 -25.79 20.28 15.14
N ARG B 17 -25.67 19.36 14.18
CA ARG B 17 -26.30 19.46 12.86
C ARG B 17 -25.72 20.62 12.04
N GLY B 18 -25.34 20.33 10.80
CA GLY B 18 -24.56 21.26 10.02
C GLY B 18 -23.14 21.44 10.49
N SER B 19 -22.76 20.84 11.61
CA SER B 19 -21.41 20.92 12.13
C SER B 19 -20.46 20.12 11.24
N HIS B 20 -19.15 20.28 11.52
CA HIS B 20 -18.13 19.59 10.73
C HIS B 20 -16.93 19.32 11.64
N MET B 21 -17.02 18.23 12.41
CA MET B 21 -15.94 17.76 13.26
C MET B 21 -15.05 16.80 12.50
N LYS B 22 -13.73 16.98 12.65
CA LYS B 22 -12.75 16.24 11.87
C LYS B 22 -12.19 15.06 12.66
N ALA B 23 -11.79 14.03 11.93
CA ALA B 23 -11.29 12.81 12.55
C ALA B 23 -10.29 12.14 11.61
N MET B 24 -9.65 11.07 12.09
CA MET B 24 -8.65 10.37 11.31
C MET B 24 -8.58 8.90 11.70
N ILE B 25 -8.67 8.02 10.70
CA ILE B 25 -8.42 6.60 10.88
C ILE B 25 -6.97 6.30 10.50
N LEU B 26 -6.28 5.54 11.35
CA LEU B 26 -4.94 5.05 11.04
C LEU B 26 -5.07 3.71 10.31
N ALA B 27 -4.69 3.69 9.04
CA ALA B 27 -4.90 2.52 8.19
C ALA B 27 -3.74 2.33 7.23
N ALA B 28 -2.51 2.54 7.70
CA ALA B 28 -1.33 2.39 6.86
C ALA B 28 -0.44 1.22 7.24
N GLY B 29 -0.79 0.49 8.30
CA GLY B 29 0.09 -0.57 8.77
C GLY B 29 0.13 -1.75 7.81
N LYS B 30 1.30 -2.40 7.76
CA LYS B 30 1.44 -3.58 6.92
C LYS B 30 0.51 -4.69 7.36
N GLY B 31 0.33 -4.86 8.67
CA GLY B 31 -0.51 -5.92 9.18
C GLY B 31 0.15 -7.28 9.19
N THR B 32 1.46 -7.33 9.42
CA THR B 32 2.20 -8.59 9.30
C THR B 32 1.69 -9.66 10.26
N ARG B 33 1.09 -9.26 11.38
CA ARG B 33 0.57 -10.24 12.33
C ARG B 33 -0.72 -10.90 11.85
N VAL B 34 -1.33 -10.39 10.77
CA VAL B 34 -2.57 -10.93 10.25
C VAL B 34 -2.34 -11.71 8.96
N ARG B 35 -1.08 -11.86 8.55
CA ARG B 35 -0.75 -12.73 7.43
C ARG B 35 -1.28 -14.15 7.69
N PRO B 36 -1.72 -14.86 6.65
CA PRO B 36 -1.61 -14.54 5.22
C PRO B 36 -2.76 -13.71 4.66
N ILE B 37 -3.70 -13.26 5.51
CA ILE B 37 -4.82 -12.47 5.01
C ILE B 37 -4.34 -11.12 4.49
N THR B 38 -3.36 -10.52 5.17
CA THR B 38 -2.84 -9.23 4.74
C THR B 38 -1.95 -9.32 3.50
N TYR B 39 -1.87 -10.45 2.81
CA TYR B 39 -1.11 -10.50 1.57
C TYR B 39 -1.86 -9.80 0.44
N THR B 40 -3.17 -9.99 0.36
CA THR B 40 -3.99 -9.39 -0.70
C THR B 40 -5.03 -8.41 -0.21
N ILE B 41 -5.37 -8.41 1.08
CA ILE B 41 -6.32 -7.46 1.65
C ILE B 41 -5.67 -6.81 2.86
N PRO B 42 -5.65 -5.47 2.95
CA PRO B 42 -5.00 -4.81 4.11
C PRO B 42 -5.65 -5.16 5.43
N LYS B 43 -5.17 -4.55 6.52
CA LYS B 43 -5.72 -4.87 7.84
C LYS B 43 -7.10 -4.24 8.01
N PRO B 44 -7.34 -3.01 7.53
CA PRO B 44 -8.73 -2.60 7.28
C PRO B 44 -9.26 -3.33 6.05
N MET B 45 -10.51 -3.04 5.66
CA MET B 45 -11.14 -3.69 4.50
C MET B 45 -11.35 -5.18 4.72
N ILE B 46 -10.83 -5.73 5.81
CA ILE B 46 -11.07 -7.13 6.17
C ILE B 46 -12.54 -7.25 6.53
N PRO B 47 -13.35 -7.97 5.74
CA PRO B 47 -14.80 -7.95 5.93
C PRO B 47 -15.22 -8.78 7.13
N ILE B 48 -15.91 -8.14 8.08
CA ILE B 48 -16.64 -8.86 9.11
C ILE B 48 -17.99 -9.25 8.50
N LEU B 49 -18.13 -10.53 8.17
CA LEU B 49 -19.22 -11.01 7.32
C LEU B 49 -19.12 -10.30 5.97
N GLN B 50 -19.76 -9.15 5.83
CA GLN B 50 -19.66 -8.37 4.60
C GLN B 50 -19.16 -6.95 4.81
N LYS B 51 -19.57 -6.29 5.88
CA LYS B 51 -19.08 -4.94 6.16
C LYS B 51 -17.62 -4.99 6.60
N PRO B 52 -16.74 -4.19 5.99
CA PRO B 52 -15.34 -4.15 6.43
C PRO B 52 -15.22 -3.50 7.81
N VAL B 53 -14.10 -3.79 8.47
CA VAL B 53 -13.85 -3.22 9.80
C VAL B 53 -13.90 -1.70 9.73
N MET B 54 -13.29 -1.11 8.70
CA MET B 54 -13.22 0.34 8.61
C MET B 54 -14.59 0.96 8.34
N GLU B 55 -15.44 0.27 7.59
CA GLU B 55 -16.82 0.74 7.39
C GLU B 55 -17.55 0.94 8.70
N PHE B 56 -17.34 0.05 9.67
CA PHE B 56 -17.92 0.25 10.99
C PHE B 56 -17.41 1.54 11.63
N LEU B 57 -16.11 1.81 11.51
CA LEU B 57 -15.55 3.02 12.12
C LEU B 57 -16.01 4.28 11.42
N VAL B 58 -16.02 4.28 10.08
CA VAL B 58 -16.42 5.48 9.34
C VAL B 58 -17.89 5.82 9.62
N GLU B 59 -18.77 4.82 9.52
CA GLU B 59 -20.18 5.06 9.82
C GLU B 59 -20.41 5.38 11.30
N LEU B 60 -19.46 5.02 12.17
CA LEU B 60 -19.55 5.43 13.56
C LEU B 60 -19.08 6.87 13.74
N LEU B 61 -18.04 7.27 13.00
CA LEU B 61 -17.58 8.64 13.07
C LEU B 61 -18.65 9.61 12.56
N ARG B 62 -19.42 9.19 11.56
CA ARG B 62 -20.57 9.99 11.12
C ARG B 62 -21.64 10.05 12.19
N GLN B 63 -21.88 8.91 12.86
CA GLN B 63 -22.88 8.84 13.94
C GLN B 63 -22.65 9.91 14.99
N HIS B 64 -21.42 10.36 15.17
CA HIS B 64 -21.09 11.31 16.24
C HIS B 64 -20.61 12.66 15.69
N GLY B 65 -20.99 12.99 14.47
CA GLY B 65 -20.69 14.28 13.89
C GLY B 65 -19.30 14.46 13.34
N PHE B 66 -18.46 13.42 13.36
CA PHE B 66 -17.13 13.49 12.76
C PHE B 66 -17.24 13.07 11.30
N ASN B 67 -17.66 14.02 10.46
CA ASN B 67 -17.96 13.75 9.06
C ASN B 67 -16.86 14.18 8.11
N GLN B 68 -15.79 14.80 8.61
CA GLN B 68 -14.63 15.17 7.78
C GLN B 68 -13.46 14.28 8.22
N ILE B 69 -13.24 13.21 7.47
CA ILE B 69 -12.37 12.11 7.88
C ILE B 69 -11.07 12.16 7.07
N MET B 70 -9.95 12.03 7.77
CA MET B 70 -8.64 11.87 7.15
C MET B 70 -8.21 10.41 7.27
N VAL B 71 -7.60 9.88 6.22
CA VAL B 71 -7.15 8.49 6.18
C VAL B 71 -5.73 8.45 5.63
N ASN B 72 -4.81 7.87 6.41
CA ASN B 72 -3.46 7.62 5.94
C ASN B 72 -3.34 6.17 5.51
N VAL B 73 -2.73 5.95 4.34
CA VAL B 73 -2.64 4.62 3.74
C VAL B 73 -1.23 4.41 3.22
N SER B 74 -0.81 3.15 3.20
CA SER B 74 0.49 2.80 2.63
C SER B 74 0.47 1.41 2.02
N HIS B 75 0.42 0.37 2.87
CA HIS B 75 0.40 -1.00 2.39
C HIS B 75 -0.93 -1.30 1.71
N LEU B 76 -0.87 -1.73 0.45
CA LEU B 76 -2.05 -2.05 -0.35
C LEU B 76 -3.06 -0.91 -0.31
N ALA B 77 -2.58 0.29 -0.64
CA ALA B 77 -3.39 1.50 -0.53
C ALA B 77 -4.60 1.43 -1.45
N HIS B 78 -4.42 0.93 -2.67
CA HIS B 78 -5.48 0.97 -3.67
C HIS B 78 -6.72 0.20 -3.25
N GLU B 79 -6.56 -0.84 -2.43
CA GLU B 79 -7.72 -1.58 -1.96
C GLU B 79 -8.56 -0.77 -0.99
N ILE B 80 -7.95 0.10 -0.18
CA ILE B 80 -8.69 0.88 0.80
C ILE B 80 -9.41 2.04 0.12
N GLU B 81 -8.68 2.86 -0.63
CA GLU B 81 -9.28 4.08 -1.19
C GLU B 81 -10.24 3.79 -2.33
N SER B 82 -10.17 2.62 -2.95
CA SER B 82 -11.14 2.28 -3.99
C SER B 82 -12.51 2.03 -3.40
N TYR B 83 -12.57 1.53 -2.16
CA TYR B 83 -13.83 1.15 -1.56
C TYR B 83 -14.59 2.34 -0.98
N PHE B 84 -13.87 3.26 -0.33
CA PHE B 84 -14.49 4.42 0.31
C PHE B 84 -14.48 5.66 -0.58
N GLN B 85 -13.34 5.97 -1.19
CA GLN B 85 -13.16 7.15 -2.04
C GLN B 85 -13.48 8.39 -1.20
N ASP B 86 -14.12 9.41 -1.75
CA ASP B 86 -14.34 10.65 -1.00
C ASP B 86 -15.34 10.45 0.13
N GLY B 87 -16.20 9.44 0.05
CA GLY B 87 -17.10 9.12 1.13
C GLY B 87 -18.54 9.59 0.94
N GLN B 88 -18.90 10.00 -0.28
CA GLN B 88 -20.28 10.38 -0.58
C GLN B 88 -21.28 9.36 -0.06
N ARG B 89 -21.06 8.09 -0.42
CA ARG B 89 -22.00 7.03 -0.08
C ARG B 89 -22.05 6.75 1.41
N PHE B 90 -21.00 7.08 2.16
CA PHE B 90 -20.99 6.91 3.62
C PHE B 90 -21.43 8.17 4.36
N GLY B 91 -21.87 9.20 3.65
CA GLY B 91 -22.30 10.42 4.31
C GLY B 91 -21.20 11.18 5.01
N VAL B 92 -19.96 11.08 4.54
CA VAL B 92 -18.82 11.75 5.13
C VAL B 92 -17.94 12.28 4.00
N GLU B 93 -16.90 13.02 4.37
CA GLU B 93 -15.88 13.48 3.44
C GLU B 93 -14.56 12.83 3.83
N ILE B 94 -13.89 12.22 2.87
CA ILE B 94 -12.68 11.44 3.11
C ILE B 94 -11.59 11.87 2.15
N ALA B 95 -10.42 12.18 2.69
CA ALA B 95 -9.21 12.41 1.91
C ALA B 95 -8.14 11.44 2.37
N TYR B 96 -7.18 11.18 1.50
CA TYR B 96 -6.19 10.12 1.72
C TYR B 96 -4.78 10.71 1.71
N SER B 97 -4.01 10.36 2.74
CA SER B 97 -2.59 10.70 2.81
C SER B 97 -1.79 9.44 2.52
N PHE B 98 -1.18 9.38 1.35
CA PHE B 98 -0.39 8.22 0.96
C PHE B 98 1.00 8.32 1.56
N GLU B 99 1.44 7.24 2.22
CA GLU B 99 2.74 7.18 2.88
C GLU B 99 3.58 6.18 2.11
N GLY B 100 4.36 6.67 1.16
CA GLY B 100 5.18 5.80 0.36
C GLY B 100 5.94 6.54 -0.72
N TYR B 101 6.41 5.78 -1.69
CA TYR B 101 7.16 6.31 -2.82
C TYR B 101 7.19 5.26 -3.92
N ILE B 102 7.23 5.72 -5.16
CA ILE B 102 7.26 4.84 -6.31
C ILE B 102 8.69 4.73 -6.80
N LYS B 103 9.05 3.58 -7.36
CA LYS B 103 10.37 3.40 -7.94
C LYS B 103 10.35 2.25 -8.94
N ASP B 104 10.85 2.50 -10.14
CA ASP B 104 10.94 1.49 -11.19
C ASP B 104 9.56 0.98 -11.59
N GLY B 105 8.57 1.88 -11.57
CA GLY B 105 7.20 1.53 -11.87
C GLY B 105 6.47 0.84 -10.75
N GLU B 106 7.19 0.22 -9.81
CA GLU B 106 6.59 -0.47 -8.68
C GLU B 106 6.34 0.51 -7.55
N LEU B 107 5.28 0.29 -6.80
CA LEU B 107 4.83 1.20 -5.74
C LEU B 107 5.18 0.60 -4.39
N VAL B 108 6.11 1.23 -3.68
CA VAL B 108 6.58 0.74 -2.39
C VAL B 108 5.96 1.57 -1.28
N GLY B 109 5.48 0.90 -0.24
CA GLY B 109 4.89 1.58 0.91
C GLY B 109 5.93 1.97 1.93
N LYS B 110 5.84 3.22 2.41
CA LYS B 110 6.78 3.78 3.38
C LYS B 110 5.95 4.38 4.50
N ALA B 111 5.60 3.56 5.49
CA ALA B 111 4.78 4.01 6.59
C ALA B 111 5.52 5.02 7.45
N LEU B 112 4.80 6.03 7.92
CA LEU B 112 5.38 7.10 8.71
C LEU B 112 5.14 6.95 10.20
N GLY B 113 4.48 5.87 10.62
CA GLY B 113 4.13 5.69 12.01
C GLY B 113 2.77 6.26 12.35
N SER B 114 2.25 5.85 13.51
CA SER B 114 0.95 6.32 13.94
C SER B 114 0.93 7.83 14.15
N ALA B 115 2.00 8.38 14.75
CA ALA B 115 2.09 9.81 14.98
C ALA B 115 2.66 10.55 13.76
N GLY B 116 3.61 9.93 13.05
CA GLY B 116 4.20 10.58 11.90
C GLY B 116 3.21 10.84 10.79
N GLY B 117 2.24 9.95 10.61
CA GLY B 117 1.23 10.16 9.58
C GLY B 117 0.34 11.34 9.88
N ILE B 118 0.08 11.63 11.15
CA ILE B 118 -0.69 12.82 11.51
C ILE B 118 0.11 14.08 11.21
N LYS B 119 1.41 14.07 11.53
CA LYS B 119 2.24 15.24 11.29
C LYS B 119 2.36 15.55 9.80
N ARG B 120 2.43 14.52 8.96
CA ARG B 120 2.54 14.75 7.52
C ARG B 120 1.33 15.49 6.97
N ILE B 121 0.13 15.17 7.47
CA ILE B 121 -1.08 15.82 6.97
C ILE B 121 -1.07 17.30 7.31
N GLN B 122 -0.72 17.64 8.56
CA GLN B 122 -0.68 19.04 8.97
C GLN B 122 0.44 19.78 8.26
N ASP B 123 1.57 19.12 8.04
CA ASP B 123 2.68 19.78 7.36
C ASP B 123 2.40 20.00 5.89
N PHE B 124 1.65 19.09 5.26
CA PHE B 124 1.21 19.29 3.89
C PHE B 124 0.33 20.53 3.78
N ASN B 125 -0.75 20.56 4.56
CA ASN B 125 -1.65 21.70 4.61
C ASN B 125 -2.32 21.65 5.97
N PRO B 126 -2.37 22.78 6.70
CA PRO B 126 -2.98 22.77 8.03
C PRO B 126 -4.46 22.42 7.98
N PHE B 127 -4.81 21.26 8.50
CA PHE B 127 -6.17 20.73 8.42
C PHE B 127 -6.83 20.58 9.78
N PHE B 128 -6.11 20.11 10.78
CA PHE B 128 -6.66 19.93 12.13
C PHE B 128 -6.66 21.28 12.83
N ASP B 129 -7.85 21.80 13.11
CA ASP B 129 -8.04 23.13 13.66
C ASP B 129 -8.79 23.14 14.99
N ASP B 130 -9.35 22.00 15.40
CA ASP B 130 -10.11 21.90 16.63
C ASP B 130 -10.01 20.45 17.10
N THR B 131 -10.62 20.17 18.25
CA THR B 131 -10.59 18.83 18.82
C THR B 131 -11.01 17.78 17.80
N PHE B 132 -10.16 16.75 17.65
CA PHE B 132 -10.38 15.74 16.64
C PHE B 132 -10.07 14.36 17.22
N VAL B 133 -10.78 13.35 16.72
CA VAL B 133 -10.63 11.97 17.18
C VAL B 133 -9.73 11.24 16.19
N VAL B 134 -8.75 10.51 16.71
CA VAL B 134 -7.94 9.60 15.91
C VAL B 134 -8.06 8.21 16.54
N LEU B 135 -8.17 7.20 15.68
CA LEU B 135 -8.43 5.85 16.17
C LEU B 135 -7.93 4.84 15.14
N CYS B 136 -7.24 3.80 15.61
CA CYS B 136 -6.71 2.79 14.73
C CYS B 136 -7.84 2.06 14.01
N GLY B 137 -7.66 1.85 12.71
CA GLY B 137 -8.70 1.27 11.88
C GLY B 137 -8.65 -0.24 11.74
N ASP B 138 -8.13 -0.93 12.75
CA ASP B 138 -8.01 -2.38 12.74
C ASP B 138 -8.76 -3.01 13.90
N ALA B 139 -9.80 -2.34 14.39
CA ALA B 139 -10.58 -2.83 15.52
C ALA B 139 -11.92 -2.12 15.52
N LEU B 140 -13.01 -2.87 15.38
CA LEU B 140 -14.34 -2.28 15.37
C LEU B 140 -14.79 -2.01 16.80
N ILE B 141 -15.45 -0.86 16.99
CA ILE B 141 -15.82 -0.37 18.31
C ILE B 141 -17.25 0.16 18.25
N ASP B 142 -17.82 0.39 19.43
CA ASP B 142 -19.16 0.96 19.56
C ASP B 142 -19.20 2.06 20.61
N LEU B 143 -18.05 2.64 20.95
CA LEU B 143 -18.00 3.71 21.93
C LEU B 143 -18.83 4.90 21.44
N ASP B 144 -19.46 5.58 22.39
CA ASP B 144 -20.17 6.83 22.08
C ASP B 144 -19.15 7.96 22.16
N LEU B 145 -18.65 8.38 21.00
CA LEU B 145 -17.60 9.39 20.94
C LEU B 145 -18.06 10.70 21.57
N THR B 146 -19.21 11.22 21.13
CA THR B 146 -19.72 12.45 21.71
C THR B 146 -20.07 12.19 23.17
N ALA B 147 -19.02 12.18 24.00
CA ALA B 147 -19.06 11.84 25.42
C ALA B 147 -17.63 11.82 25.93
N ALA B 148 -16.79 11.00 25.30
CA ALA B 148 -15.36 11.00 25.62
C ALA B 148 -14.68 12.24 25.07
N VAL B 149 -15.00 12.64 23.83
CA VAL B 149 -14.45 13.89 23.30
C VAL B 149 -14.98 15.07 24.09
N ALA B 150 -16.26 15.03 24.48
CA ALA B 150 -16.82 16.04 25.36
C ALA B 150 -16.30 15.94 26.79
N TRP B 151 -15.63 14.84 27.14
CA TRP B 151 -15.13 14.70 28.50
C TRP B 151 -13.79 15.41 28.68
N HIS B 152 -12.88 15.28 27.71
CA HIS B 152 -11.63 16.02 27.79
C HIS B 152 -11.79 17.44 27.29
N ARG B 153 -12.95 17.78 26.73
CA ARG B 153 -13.22 19.16 26.34
C ARG B 153 -13.52 19.97 27.59
N GLN B 154 -14.26 19.38 28.52
CA GLN B 154 -14.55 20.00 29.81
C GLN B 154 -13.35 19.87 30.76
N LYS B 155 -12.45 18.93 30.49
CA LYS B 155 -11.24 18.74 31.28
C LYS B 155 -10.04 19.52 30.74
N GLY B 156 -10.15 20.06 29.53
CA GLY B 156 -9.08 20.85 28.96
C GLY B 156 -7.84 20.07 28.59
N ALA B 157 -7.99 18.81 28.22
CA ALA B 157 -6.86 17.97 27.88
C ALA B 157 -6.31 18.32 26.51
N ILE B 158 -4.98 18.30 26.38
CA ILE B 158 -4.36 18.40 25.06
C ILE B 158 -4.32 17.04 24.37
N ALA B 159 -4.49 15.95 25.14
CA ALA B 159 -4.45 14.60 24.60
C ALA B 159 -5.15 13.68 25.60
N THR B 160 -5.94 12.74 25.08
CA THR B 160 -6.73 11.85 25.92
C THR B 160 -6.75 10.44 25.35
N VAL B 161 -6.42 9.47 26.17
CA VAL B 161 -6.46 8.06 25.80
C VAL B 161 -7.73 7.45 26.37
N VAL B 162 -8.47 6.74 25.52
CA VAL B 162 -9.64 6.00 25.97
C VAL B 162 -9.19 4.59 26.36
N MET B 163 -9.58 4.17 27.56
CA MET B 163 -9.07 2.94 28.16
C MET B 163 -10.20 1.97 28.44
N LYS B 164 -9.96 0.70 28.16
CA LYS B 164 -10.86 -0.38 28.54
C LYS B 164 -10.30 -1.10 29.75
N THR B 165 -11.19 -1.60 30.60
CA THR B 165 -10.81 -2.30 31.82
C THR B 165 -10.87 -3.80 31.55
N VAL B 166 -9.72 -4.44 31.53
CA VAL B 166 -9.60 -5.88 31.28
C VAL B 166 -9.38 -6.59 32.61
N PRO B 167 -9.57 -7.91 32.68
CA PRO B 167 -9.27 -8.63 33.93
C PRO B 167 -7.79 -8.49 34.32
N ARG B 168 -7.53 -8.88 35.57
CA ARG B 168 -6.19 -8.74 36.15
C ARG B 168 -5.13 -9.53 35.38
N GLU B 169 -5.53 -10.50 34.57
CA GLU B 169 -4.58 -11.38 33.90
C GLU B 169 -4.10 -10.85 32.55
N ASP B 170 -4.92 -10.08 31.84
CA ASP B 170 -4.61 -9.66 30.48
C ASP B 170 -3.72 -8.42 30.41
N VAL B 171 -2.94 -8.13 31.45
CA VAL B 171 -2.04 -6.97 31.41
C VAL B 171 -0.80 -7.21 30.56
N SER B 172 -0.53 -8.45 30.17
CA SER B 172 0.66 -8.78 29.40
C SER B 172 0.46 -8.73 27.90
N SER B 173 -0.75 -8.42 27.42
CA SER B 173 -1.01 -8.34 26.00
C SER B 173 -1.09 -6.91 25.47
N TYR B 174 -1.50 -5.99 26.33
CA TYR B 174 -1.67 -4.59 25.89
C TYR B 174 -0.89 -3.63 26.80
N GLY B 175 -0.65 -2.41 26.35
CA GLY B 175 0.09 -1.43 27.12
C GLY B 175 -0.75 -0.90 28.26
N VAL B 176 -0.18 -0.87 29.46
CA VAL B 176 -0.89 -0.47 30.65
C VAL B 176 -0.70 1.02 30.89
N VAL B 177 -1.76 1.69 31.30
CA VAL B 177 -1.76 3.13 31.55
C VAL B 177 -2.04 3.37 33.03
N VAL B 178 -1.17 4.12 33.69
CA VAL B 178 -1.31 4.48 35.09
C VAL B 178 -1.72 5.94 35.17
N THR B 179 -2.81 6.21 35.88
CA THR B 179 -3.34 7.56 36.04
C THR B 179 -3.47 7.91 37.51
N ASP B 180 -3.32 9.20 37.82
CA ASP B 180 -3.51 9.68 39.18
C ASP B 180 -4.98 9.94 39.48
N LYS B 181 -5.26 10.83 40.41
CA LYS B 181 -6.65 11.13 40.77
C LYS B 181 -7.24 12.24 39.92
N SER B 182 -6.42 13.01 39.22
CA SER B 182 -6.90 13.97 38.22
C SER B 182 -7.21 13.30 36.90
N ASP B 183 -7.12 11.97 36.81
CA ASP B 183 -7.21 11.22 35.56
C ASP B 183 -6.09 11.61 34.60
N ARG B 184 -4.95 12.00 35.13
CA ARG B 184 -3.79 12.38 34.34
C ARG B 184 -2.83 11.21 34.25
N ILE B 185 -2.33 10.97 33.04
CA ILE B 185 -1.41 9.86 32.84
C ILE B 185 -0.07 10.20 33.47
N VAL B 186 0.49 9.27 34.24
CA VAL B 186 1.70 9.53 35.01
C VAL B 186 2.78 8.52 34.67
N ALA B 187 2.38 7.33 34.22
CA ALA B 187 3.34 6.29 33.92
C ALA B 187 2.77 5.35 32.86
N PHE B 188 3.67 4.72 32.11
CA PHE B 188 3.32 3.75 31.09
C PHE B 188 4.02 2.42 31.38
N GLN B 189 3.55 1.38 30.69
CA GLN B 189 4.07 0.02 30.89
C GLN B 189 3.73 -0.77 29.63
N GLU B 190 4.72 -0.99 28.77
CA GLU B 190 4.53 -1.68 27.51
C GLU B 190 4.61 -3.18 27.72
N LYS B 191 3.48 -3.87 27.54
CA LYS B 191 3.33 -5.32 27.67
C LYS B 191 4.06 -5.87 28.91
N PRO B 192 3.65 -5.45 30.12
CA PRO B 192 4.26 -6.04 31.32
C PRO B 192 3.44 -7.18 31.91
N SER B 193 4.11 -8.08 32.63
CA SER B 193 3.44 -9.20 33.25
C SER B 193 2.58 -8.71 34.42
N VAL B 194 1.91 -9.65 35.09
CA VAL B 194 1.02 -9.30 36.20
C VAL B 194 1.81 -8.68 37.35
N GLU B 195 3.06 -9.11 37.55
CA GLU B 195 3.84 -8.55 38.64
C GLU B 195 4.32 -7.14 38.31
N GLU B 196 4.71 -6.90 37.06
CA GLU B 196 5.19 -5.58 36.68
C GLU B 196 4.04 -4.57 36.62
N ALA B 197 2.88 -4.99 36.12
CA ALA B 197 1.76 -4.08 35.94
C ALA B 197 1.25 -3.53 37.27
N LEU B 198 0.95 -2.22 37.28
CA LEU B 198 0.43 -1.54 38.45
C LEU B 198 -1.07 -1.33 38.44
N SER B 199 -1.68 -1.19 37.25
CA SER B 199 -3.11 -0.96 37.12
C SER B 199 -3.68 -1.88 36.05
N ASN B 200 -4.99 -1.74 35.81
CA ASN B 200 -5.70 -2.54 34.81
C ASN B 200 -6.39 -1.70 33.75
N HIS B 201 -5.80 -0.56 33.37
CA HIS B 201 -6.31 0.28 32.30
C HIS B 201 -5.35 0.24 31.13
N ILE B 202 -5.86 -0.15 29.95
CA ILE B 202 -5.03 -0.38 28.78
C ILE B 202 -5.34 0.66 27.71
N ASN B 203 -4.33 0.96 26.89
CA ASN B 203 -4.51 1.83 25.74
C ASN B 203 -5.21 1.05 24.63
N THR B 204 -6.40 1.50 24.24
CA THR B 204 -7.19 0.84 23.22
C THR B 204 -6.99 1.44 21.83
N GLY B 205 -6.06 2.38 21.68
CA GLY B 205 -5.85 3.00 20.39
C GLY B 205 -6.95 3.94 19.95
N ILE B 206 -7.65 4.55 20.89
CA ILE B 206 -8.74 5.48 20.59
C ILE B 206 -8.36 6.79 21.27
N TYR B 207 -7.72 7.68 20.53
CA TYR B 207 -7.21 8.93 21.07
C TYR B 207 -8.07 10.10 20.61
N ILE B 208 -8.09 11.16 21.42
CA ILE B 208 -8.79 12.39 21.08
C ILE B 208 -7.80 13.52 21.33
N PHE B 209 -7.37 14.18 20.26
CA PHE B 209 -6.27 15.12 20.31
C PHE B 209 -6.74 16.55 20.04
N GLU B 210 -6.08 17.50 20.70
CA GLU B 210 -6.09 18.91 20.34
C GLU B 210 -5.01 19.19 19.30
N PRO B 211 -5.26 20.10 18.34
CA PRO B 211 -4.26 20.36 17.30
C PRO B 211 -2.91 20.82 17.83
N GLU B 212 -2.80 21.13 19.13
CA GLU B 212 -1.53 21.55 19.70
C GLU B 212 -0.57 20.39 19.94
N VAL B 213 -1.10 19.17 20.06
CA VAL B 213 -0.22 18.01 20.28
C VAL B 213 0.61 17.70 19.05
N ILE B 214 0.14 18.12 17.86
CA ILE B 214 0.87 17.87 16.63
C ILE B 214 2.18 18.65 16.57
N ASP B 215 2.36 19.62 17.47
CA ASP B 215 3.63 20.32 17.56
C ASP B 215 4.71 19.42 18.16
N TYR B 216 4.34 18.57 19.12
CA TYR B 216 5.29 17.68 19.76
C TYR B 216 5.78 16.57 18.84
N ILE B 217 5.20 16.41 17.67
CA ILE B 217 5.61 15.40 16.69
C ILE B 217 6.58 16.07 15.71
N PRO B 218 7.76 15.49 15.49
CA PRO B 218 8.72 16.10 14.56
C PRO B 218 8.34 15.85 13.12
N SER B 219 8.80 16.75 12.25
CA SER B 219 8.51 16.66 10.83
C SER B 219 9.52 15.75 10.13
N ASN B 220 9.08 15.15 9.03
CA ASN B 220 9.93 14.31 8.18
C ASN B 220 10.60 13.21 8.99
N GLN B 221 9.85 12.63 9.93
CA GLN B 221 10.37 11.60 10.82
C GLN B 221 9.31 10.54 11.05
N GLU B 222 9.75 9.29 11.11
CA GLU B 222 8.88 8.23 11.60
C GLU B 222 8.71 8.39 13.11
N TYR B 223 7.47 8.29 13.59
CA TYR B 223 7.17 8.62 14.97
C TYR B 223 5.89 7.91 15.37
N ASP B 224 5.94 7.17 16.47
CA ASP B 224 4.79 6.43 16.98
C ASP B 224 4.08 7.23 18.06
N ILE B 225 2.79 6.93 18.24
CA ILE B 225 1.98 7.64 19.23
C ILE B 225 2.27 7.13 20.63
N GLY B 226 2.12 5.82 20.85
CA GLY B 226 2.16 5.29 22.19
C GLY B 226 3.56 5.11 22.76
N SER B 227 4.56 4.93 21.90
CA SER B 227 5.90 4.65 22.36
C SER B 227 6.82 5.87 22.35
N GLN B 228 6.44 6.95 21.67
CA GLN B 228 7.30 8.11 21.57
C GLN B 228 6.56 9.40 21.96
N LEU B 229 5.42 9.67 21.32
CA LEU B 229 4.69 10.89 21.61
C LEU B 229 4.12 10.90 23.02
N PHE B 230 3.60 9.75 23.47
CA PHE B 230 2.98 9.67 24.77
C PHE B 230 4.03 9.70 25.89
N PRO B 231 5.17 9.02 25.74
CA PRO B 231 6.27 9.31 26.68
C PRO B 231 6.72 10.76 26.63
N LYS B 232 6.76 11.35 25.44
CA LYS B 232 7.08 12.77 25.31
C LYS B 232 6.10 13.63 26.12
N LEU B 233 4.83 13.23 26.15
CA LEU B 233 3.82 14.03 26.83
C LEU B 233 3.87 13.88 28.35
N VAL B 234 4.24 12.70 28.85
CA VAL B 234 4.29 12.50 30.30
C VAL B 234 5.48 13.22 30.90
N GLU B 235 6.64 13.15 30.23
CA GLU B 235 7.83 13.82 30.76
C GLU B 235 7.66 15.33 30.77
N MET B 236 7.22 15.90 29.66
CA MET B 236 7.08 17.35 29.56
C MET B 236 5.94 17.90 30.39
N GLY B 237 5.16 17.04 31.05
CA GLY B 237 4.09 17.48 31.92
C GLY B 237 2.99 18.24 31.20
N ALA B 238 2.51 17.68 30.11
CA ALA B 238 1.43 18.29 29.34
C ALA B 238 0.08 17.85 29.91
N PRO B 239 -0.98 18.61 29.65
CA PRO B 239 -2.32 18.15 30.05
C PRO B 239 -2.70 16.86 29.34
N PHE B 240 -2.08 15.76 29.77
CA PHE B 240 -2.22 14.46 29.14
C PHE B 240 -3.08 13.60 30.06
N TYR B 241 -4.26 13.24 29.60
CA TYR B 241 -5.28 12.63 30.44
C TYR B 241 -5.65 11.26 29.92
N GLY B 242 -6.28 10.48 30.79
CA GLY B 242 -6.71 9.15 30.42
C GLY B 242 -8.13 8.90 30.87
N LEU B 243 -8.96 8.40 29.97
CA LEU B 243 -10.36 8.14 30.26
C LEU B 243 -10.61 6.64 30.16
N ALA B 244 -11.63 6.17 30.87
CA ALA B 244 -11.98 4.76 30.91
C ALA B 244 -13.48 4.65 30.81
N MET B 245 -13.97 4.05 29.74
CA MET B 245 -15.40 3.86 29.54
C MET B 245 -15.68 2.44 29.10
N ASP B 246 -16.83 1.92 29.53
CA ASP B 246 -17.23 0.58 29.09
C ASP B 246 -17.68 0.65 27.64
N PHE B 247 -17.09 -0.18 26.79
CA PHE B 247 -17.53 -0.26 25.41
C PHE B 247 -16.97 -1.51 24.75
N GLU B 248 -17.72 -2.04 23.79
CA GLU B 248 -17.28 -3.20 23.04
C GLU B 248 -16.02 -2.88 22.25
N TRP B 249 -14.96 -3.66 22.47
CA TRP B 249 -13.68 -3.45 21.81
C TRP B 249 -13.17 -4.79 21.30
N ILE B 250 -13.21 -4.97 19.99
CA ILE B 250 -12.77 -6.19 19.33
C ILE B 250 -11.45 -5.89 18.66
N ASP B 251 -10.34 -6.26 19.29
CA ASP B 251 -9.03 -6.07 18.71
C ASP B 251 -8.68 -7.29 17.86
N ILE B 252 -8.66 -7.11 16.55
CA ILE B 252 -8.26 -8.17 15.62
C ILE B 252 -6.74 -8.11 15.53
N GLY B 253 -6.08 -8.89 16.40
CA GLY B 253 -4.64 -8.91 16.45
C GLY B 253 -4.03 -9.84 15.43
N LYS B 254 -4.27 -11.14 15.57
CA LYS B 254 -3.79 -12.16 14.65
C LYS B 254 -4.97 -12.86 13.99
N VAL B 255 -4.66 -13.73 13.02
CA VAL B 255 -5.71 -14.40 12.25
C VAL B 255 -6.69 -15.13 13.15
N PRO B 256 -6.29 -15.87 14.18
CA PRO B 256 -7.30 -16.50 15.05
C PRO B 256 -8.25 -15.52 15.71
N ASP B 257 -7.83 -14.28 15.94
CA ASP B 257 -8.74 -13.28 16.50
C ASP B 257 -9.84 -12.92 15.50
N TYR B 258 -9.54 -12.95 14.20
CA TYR B 258 -10.59 -12.74 13.21
C TYR B 258 -11.52 -13.95 13.11
N TRP B 259 -10.96 -15.16 13.21
CA TRP B 259 -11.80 -16.35 13.25
C TRP B 259 -12.72 -16.34 14.46
N GLN B 260 -12.21 -15.89 15.61
CA GLN B 260 -13.03 -15.78 16.80
C GLN B 260 -14.09 -14.69 16.65
N ALA B 261 -13.71 -13.57 16.01
CA ALA B 261 -14.63 -12.44 15.90
C ALA B 261 -15.82 -12.77 15.00
N VAL B 262 -15.58 -13.44 13.88
CA VAL B 262 -16.66 -13.78 12.97
C VAL B 262 -17.65 -14.71 13.65
N ARG B 263 -17.15 -15.68 14.40
CA ARG B 263 -18.03 -16.57 15.15
C ARG B 263 -18.80 -15.81 16.22
N GLY B 264 -18.13 -14.90 16.93
CA GLY B 264 -18.80 -14.12 17.96
C GLY B 264 -19.97 -13.31 17.42
N VAL B 265 -19.82 -12.75 16.22
CA VAL B 265 -20.92 -12.03 15.61
C VAL B 265 -22.05 -12.99 15.26
N LEU B 266 -21.70 -14.22 14.86
CA LEU B 266 -22.73 -15.21 14.53
C LEU B 266 -23.43 -15.71 15.78
N ASN B 267 -22.70 -15.87 16.88
CA ASN B 267 -23.31 -16.30 18.13
C ASN B 267 -24.21 -15.21 18.71
N GLY B 268 -23.69 -13.99 18.79
CA GLY B 268 -24.32 -12.92 19.55
C GLY B 268 -23.49 -12.46 20.73
N THR B 269 -22.31 -13.05 20.96
CA THR B 269 -21.43 -12.55 22.01
C THR B 269 -20.83 -11.21 21.62
N ILE B 270 -20.91 -10.86 20.35
CA ILE B 270 -20.72 -9.49 19.87
C ILE B 270 -22.11 -8.99 19.53
N LYS B 271 -22.55 -7.97 20.26
CA LYS B 271 -23.96 -7.59 20.26
C LYS B 271 -24.33 -6.58 19.17
N ASN B 272 -23.54 -5.51 18.99
CA ASN B 272 -23.99 -4.41 18.14
C ASN B 272 -23.96 -4.73 16.66
N VAL B 273 -23.33 -5.82 16.24
CA VAL B 273 -23.15 -6.12 14.82
C VAL B 273 -24.32 -6.96 14.32
N SER B 274 -24.91 -6.55 13.21
CA SER B 274 -25.97 -7.29 12.55
C SER B 274 -25.38 -8.35 11.62
N ILE B 275 -26.21 -9.29 11.21
CA ILE B 275 -25.82 -10.38 10.31
C ILE B 275 -26.53 -10.16 8.98
N PRO B 276 -25.80 -10.20 7.85
CA PRO B 276 -26.41 -9.90 6.55
C PRO B 276 -27.35 -10.98 6.03
N GLY B 277 -27.87 -10.76 4.82
CA GLY B 277 -28.87 -11.64 4.24
C GLY B 277 -30.18 -11.56 5.02
N HIS B 278 -31.10 -12.46 4.68
CA HIS B 278 -32.33 -12.61 5.45
C HIS B 278 -32.34 -13.97 6.11
N GLU B 279 -32.96 -14.02 7.28
CA GLU B 279 -32.99 -15.20 8.13
C GLU B 279 -34.03 -16.18 7.59
N GLN B 280 -33.56 -17.22 6.89
CA GLN B 280 -34.48 -18.21 6.35
C GLN B 280 -35.09 -19.06 7.45
N PHE B 281 -34.26 -19.60 8.33
CA PHE B 281 -34.69 -20.30 9.53
C PHE B 281 -33.98 -19.69 10.72
N PRO B 282 -34.53 -19.86 11.94
CA PRO B 282 -33.89 -19.28 13.13
C PRO B 282 -32.42 -19.60 13.24
N GLY B 283 -31.58 -18.58 13.08
CA GLY B 283 -30.14 -18.74 13.10
C GLY B 283 -29.50 -19.14 11.79
N ILE B 284 -30.27 -19.26 10.72
CA ILE B 284 -29.75 -19.66 9.41
C ILE B 284 -29.96 -18.49 8.46
N TYR B 285 -28.88 -17.75 8.19
CA TYR B 285 -28.92 -16.59 7.31
C TYR B 285 -28.35 -16.98 5.95
N THR B 286 -29.16 -16.80 4.90
CA THR B 286 -28.75 -17.13 3.54
C THR B 286 -28.46 -15.84 2.77
N GLY B 287 -27.56 -15.97 1.79
CA GLY B 287 -27.29 -14.87 0.88
C GLY B 287 -28.41 -14.70 -0.13
N LEU B 288 -28.05 -14.55 -1.40
CA LEU B 288 -29.02 -14.40 -2.48
C LEU B 288 -28.83 -15.56 -3.45
N ASN B 289 -29.92 -16.32 -3.67
CA ASN B 289 -29.92 -17.47 -4.58
C ASN B 289 -28.90 -18.52 -4.14
N VAL B 290 -29.08 -19.03 -2.94
CA VAL B 290 -28.26 -20.13 -2.44
C VAL B 290 -28.86 -21.44 -2.91
N ALA B 291 -28.12 -22.16 -3.74
CA ALA B 291 -28.61 -23.43 -4.25
C ALA B 291 -28.36 -24.50 -3.20
N VAL B 292 -29.36 -24.76 -2.38
CA VAL B 292 -29.30 -25.79 -1.35
C VAL B 292 -30.68 -26.43 -1.26
N ASN B 293 -30.71 -27.73 -0.98
CA ASN B 293 -31.96 -28.49 -0.89
C ASN B 293 -32.08 -28.87 0.59
N TRP B 294 -32.81 -28.03 1.34
CA TRP B 294 -32.78 -28.06 2.80
C TRP B 294 -33.16 -29.41 3.40
N ASP B 295 -33.83 -30.28 2.66
CA ASP B 295 -34.23 -31.57 3.21
C ASP B 295 -33.00 -32.42 3.52
N LYS B 296 -32.06 -32.48 2.59
CA LYS B 296 -30.97 -33.43 2.60
C LYS B 296 -29.65 -32.83 3.11
N VAL B 297 -29.73 -31.87 4.03
CA VAL B 297 -28.53 -31.25 4.60
C VAL B 297 -28.68 -31.19 6.11
N THR B 298 -27.54 -31.10 6.78
CA THR B 298 -27.46 -31.03 8.25
C THR B 298 -26.82 -29.69 8.60
N ILE B 299 -27.64 -28.66 8.75
CA ILE B 299 -27.18 -27.33 9.08
C ILE B 299 -27.67 -26.98 10.48
N GLN B 300 -26.73 -26.67 11.37
CA GLN B 300 -27.02 -26.34 12.77
C GLN B 300 -26.53 -24.91 13.01
N GLY B 301 -27.47 -23.99 13.20
CA GLY B 301 -27.16 -22.59 13.37
C GLY B 301 -26.25 -22.30 14.55
N PRO B 302 -25.68 -21.09 14.60
CA PRO B 302 -25.85 -20.02 13.62
C PRO B 302 -24.91 -20.10 12.41
N VAL B 303 -25.43 -19.93 11.21
CA VAL B 303 -24.65 -20.07 9.99
C VAL B 303 -25.06 -19.00 8.99
N TYR B 304 -24.07 -18.37 8.37
CA TYR B 304 -24.28 -17.46 7.25
C TYR B 304 -23.72 -18.08 5.99
N ILE B 305 -24.51 -18.09 4.92
CA ILE B 305 -24.13 -18.66 3.64
C ILE B 305 -24.25 -17.58 2.59
N GLY B 306 -23.11 -17.17 2.01
CA GLY B 306 -23.13 -16.16 0.98
C GLY B 306 -23.88 -16.60 -0.25
N GLY B 307 -24.23 -15.62 -1.08
CA GLY B 307 -25.03 -15.90 -2.25
C GLY B 307 -24.29 -16.72 -3.30
N MET B 308 -25.08 -17.35 -4.17
CA MET B 308 -24.57 -18.19 -5.25
C MET B 308 -23.70 -19.33 -4.75
N THR B 309 -23.93 -19.76 -3.51
CA THR B 309 -23.23 -20.91 -2.93
C THR B 309 -24.12 -22.14 -3.05
N LYS B 310 -23.54 -23.25 -3.51
CA LYS B 310 -24.25 -24.52 -3.62
C LYS B 310 -23.77 -25.45 -2.53
N ILE B 311 -24.72 -26.00 -1.77
CA ILE B 311 -24.46 -26.99 -0.74
C ILE B 311 -25.14 -28.28 -1.18
N GLU B 312 -24.35 -29.23 -1.68
CA GLU B 312 -24.91 -30.46 -2.22
C GLU B 312 -25.52 -31.30 -1.10
N ASP B 313 -26.44 -32.18 -1.50
CA ASP B 313 -27.15 -33.01 -0.53
C ASP B 313 -26.18 -33.86 0.28
N GLY B 314 -26.46 -33.99 1.57
CA GLY B 314 -25.64 -34.78 2.46
C GLY B 314 -24.44 -34.07 3.05
N ALA B 315 -24.44 -32.74 3.02
CA ALA B 315 -23.36 -31.97 3.63
C ALA B 315 -23.66 -31.70 5.10
N THR B 316 -22.66 -31.21 5.82
CA THR B 316 -22.79 -30.93 7.25
C THR B 316 -22.09 -29.62 7.55
N ILE B 317 -22.88 -28.61 7.94
CA ILE B 317 -22.37 -27.31 8.36
C ILE B 317 -22.87 -27.05 9.77
N ILE B 318 -21.94 -26.91 10.71
CA ILE B 318 -22.26 -26.75 12.12
C ILE B 318 -21.77 -25.38 12.56
N GLY B 319 -22.69 -24.53 12.99
CA GLY B 319 -22.36 -23.18 13.39
C GLY B 319 -21.71 -23.14 14.75
N PRO B 320 -21.13 -21.96 15.08
CA PRO B 320 -21.05 -20.76 14.23
C PRO B 320 -20.07 -20.89 13.07
N THR B 321 -20.60 -20.84 11.84
CA THR B 321 -19.80 -21.04 10.64
C THR B 321 -20.24 -20.03 9.59
N MET B 322 -19.27 -19.35 8.98
CA MET B 322 -19.51 -18.48 7.84
C MET B 322 -19.01 -19.16 6.57
N ILE B 323 -19.85 -19.19 5.54
CA ILE B 323 -19.48 -19.69 4.22
C ILE B 323 -19.70 -18.55 3.24
N GLY B 324 -18.61 -17.99 2.72
CA GLY B 324 -18.67 -16.84 1.84
C GLY B 324 -19.44 -17.10 0.56
N PRO B 325 -19.69 -16.03 -0.20
CA PRO B 325 -20.46 -16.19 -1.44
C PRO B 325 -19.68 -16.99 -2.48
N ASN B 326 -20.44 -17.58 -3.40
CA ASN B 326 -19.89 -18.33 -4.54
C ASN B 326 -19.02 -19.49 -4.08
N CYS B 327 -19.51 -20.23 -3.09
CA CYS B 327 -18.82 -21.41 -2.58
C CYS B 327 -19.53 -22.67 -3.05
N HIS B 328 -18.86 -23.81 -2.87
CA HIS B 328 -19.40 -25.11 -3.26
C HIS B 328 -19.05 -26.13 -2.20
N ILE B 329 -20.06 -26.61 -1.47
CA ILE B 329 -19.89 -27.63 -0.45
C ILE B 329 -20.33 -28.95 -1.08
N CYS B 330 -19.37 -29.77 -1.49
CA CYS B 330 -19.68 -31.03 -2.13
C CYS B 330 -20.37 -31.98 -1.14
N SER B 331 -20.97 -33.03 -1.68
CA SER B 331 -21.68 -33.99 -0.85
C SER B 331 -20.73 -34.68 0.11
N GLY B 332 -21.25 -35.02 1.29
CA GLY B 332 -20.45 -35.70 2.29
C GLY B 332 -19.38 -34.86 2.96
N ALA B 333 -19.42 -33.53 2.79
CA ALA B 333 -18.49 -32.64 3.47
C ALA B 333 -19.01 -32.27 4.85
N VAL B 334 -18.08 -31.99 5.76
CA VAL B 334 -18.40 -31.66 7.14
C VAL B 334 -17.63 -30.40 7.51
N VAL B 335 -18.36 -29.30 7.74
CA VAL B 335 -17.79 -28.03 8.18
C VAL B 335 -18.20 -27.83 9.63
N ASP B 336 -17.23 -27.82 10.54
CA ASP B 336 -17.49 -27.70 11.96
C ASP B 336 -16.83 -26.45 12.51
N ASN B 337 -17.62 -25.40 12.71
CA ASN B 337 -17.19 -24.20 13.44
C ASN B 337 -16.01 -23.52 12.74
N CYS B 338 -16.21 -23.19 11.47
CA CYS B 338 -15.15 -22.66 10.63
C CYS B 338 -15.59 -21.33 9.99
N VAL B 339 -14.61 -20.64 9.43
CA VAL B 339 -14.85 -19.40 8.68
C VAL B 339 -14.35 -19.64 7.26
N ILE B 340 -15.28 -19.65 6.30
CA ILE B 340 -14.97 -19.90 4.91
C ILE B 340 -15.15 -18.61 4.13
N PHE B 341 -14.15 -18.25 3.33
CA PHE B 341 -14.21 -17.05 2.51
C PHE B 341 -14.77 -17.36 1.12
N GLU B 342 -14.88 -16.32 0.31
CA GLU B 342 -15.53 -16.43 -0.99
C GLU B 342 -14.74 -17.35 -1.93
N TYR B 343 -15.47 -17.94 -2.87
CA TYR B 343 -14.90 -18.81 -3.91
C TYR B 343 -14.08 -19.95 -3.29
N SER B 344 -14.79 -20.81 -2.57
CA SER B 344 -14.20 -21.98 -1.95
C SER B 344 -14.97 -23.23 -2.34
N ARG B 345 -14.24 -24.31 -2.58
CA ARG B 345 -14.81 -25.59 -3.00
C ARG B 345 -14.35 -26.66 -2.00
N LEU B 346 -15.25 -27.06 -1.11
CA LEU B 346 -14.93 -28.10 -0.13
C LEU B 346 -15.40 -29.44 -0.70
N GLY B 347 -14.46 -30.23 -1.19
CA GLY B 347 -14.79 -31.50 -1.80
C GLY B 347 -15.30 -32.53 -0.82
N SER B 348 -15.75 -33.65 -1.37
CA SER B 348 -16.24 -34.74 -0.55
C SER B 348 -15.13 -35.28 0.36
N ASP B 349 -15.54 -35.80 1.52
CA ASP B 349 -14.63 -36.39 2.50
C ASP B 349 -13.63 -35.37 3.02
N VAL B 350 -14.14 -34.23 3.48
CA VAL B 350 -13.35 -33.24 4.20
C VAL B 350 -14.04 -32.94 5.52
N ARG B 351 -13.25 -32.77 6.57
CA ARG B 351 -13.77 -32.42 7.90
C ARG B 351 -12.93 -31.27 8.43
N LEU B 352 -13.46 -30.05 8.34
CA LEU B 352 -12.79 -28.86 8.84
C LEU B 352 -13.38 -28.50 10.20
N VAL B 353 -12.52 -28.45 11.22
CA VAL B 353 -12.92 -28.08 12.57
C VAL B 353 -12.01 -26.97 13.04
N ASP B 354 -12.60 -25.84 13.43
CA ASP B 354 -11.87 -24.67 13.95
C ASP B 354 -10.80 -24.21 12.97
N LYS B 355 -11.23 -23.93 11.74
CA LYS B 355 -10.34 -23.54 10.67
C LYS B 355 -10.85 -22.29 9.98
N LEU B 356 -9.92 -21.55 9.36
CA LEU B 356 -10.24 -20.42 8.51
C LEU B 356 -9.61 -20.65 7.15
N VAL B 357 -10.44 -20.72 6.12
CA VAL B 357 -9.97 -20.94 4.75
C VAL B 357 -10.09 -19.62 4.00
N PHE B 358 -8.96 -19.12 3.49
CA PHE B 358 -8.90 -17.85 2.78
C PHE B 358 -8.17 -18.08 1.46
N GLY B 359 -8.92 -18.29 0.39
CA GLY B 359 -8.35 -18.53 -0.91
C GLY B 359 -7.55 -19.81 -1.02
N ARG B 360 -6.22 -19.71 -0.83
CA ARG B 360 -5.34 -20.86 -0.90
C ARG B 360 -4.70 -21.19 0.45
N TYR B 361 -5.07 -20.50 1.51
CA TYR B 361 -4.48 -20.71 2.83
C TYR B 361 -5.52 -21.32 3.77
N CYS B 362 -5.04 -22.21 4.65
CA CYS B 362 -5.88 -22.86 5.65
C CYS B 362 -5.26 -22.61 7.01
N VAL B 363 -5.90 -21.75 7.81
CA VAL B 363 -5.42 -21.36 9.13
C VAL B 363 -6.35 -21.93 10.18
N ASP B 364 -5.76 -22.49 11.24
CA ASP B 364 -6.51 -23.01 12.37
C ASP B 364 -6.61 -21.96 13.47
N LYS B 365 -7.26 -22.33 14.58
CA LYS B 365 -7.48 -21.41 15.68
C LYS B 365 -6.22 -21.13 16.50
N THR B 366 -5.10 -21.78 16.19
CA THR B 366 -3.87 -21.59 16.94
C THR B 366 -2.83 -20.76 16.19
N GLY B 367 -3.04 -20.50 14.90
CA GLY B 367 -2.12 -19.72 14.11
C GLY B 367 -1.42 -20.52 13.03
N THR B 368 -1.51 -21.84 13.06
CA THR B 368 -0.88 -22.68 12.05
C THR B 368 -1.48 -22.39 10.68
N THR B 369 -0.60 -22.17 9.70
CA THR B 369 -1.00 -21.85 8.34
C THR B 369 -0.53 -22.93 7.39
N ILE B 370 -1.44 -23.47 6.59
CA ILE B 370 -1.14 -24.51 5.61
C ILE B 370 -1.28 -23.89 4.22
N ASP B 371 -0.29 -24.13 3.37
CA ASP B 371 -0.31 -23.66 1.99
C ASP B 371 -0.92 -24.77 1.14
N LEU B 372 -2.19 -24.58 0.74
CA LEU B 372 -2.91 -25.63 0.02
C LEU B 372 -2.31 -25.88 -1.36
N LYS B 373 -1.79 -24.85 -2.02
CA LYS B 373 -1.18 -25.05 -3.34
C LYS B 373 0.09 -25.89 -3.24
N ALA B 374 0.98 -25.53 -2.34
CA ALA B 374 2.23 -26.27 -2.16
C ALA B 374 2.02 -27.62 -1.48
N ALA B 375 0.79 -28.06 -1.22
CA ALA B 375 0.54 -29.35 -0.60
C ALA B 375 -0.37 -30.25 -1.44
N ALA B 376 -0.67 -29.87 -2.69
CA ALA B 376 -1.50 -30.65 -3.60
C ALA B 376 -2.87 -30.98 -3.02
N LEU B 377 -3.35 -30.19 -2.07
CA LEU B 377 -4.60 -30.47 -1.37
C LEU B 377 -5.83 -29.94 -2.10
N ASP B 378 -5.66 -29.43 -3.32
CA ASP B 378 -6.83 -28.90 -4.03
C ASP B 378 -7.76 -30.01 -4.55
N TRP B 379 -7.55 -31.28 -4.24
CA TRP B 379 -8.59 -32.29 -4.40
C TRP B 379 -9.55 -32.31 -3.24
N LEU B 380 -9.40 -31.36 -2.31
CA LEU B 380 -10.12 -31.36 -1.04
C LEU B 380 -10.63 -29.96 -0.74
N ILE B 381 -9.76 -28.96 -0.90
CA ILE B 381 -10.12 -27.55 -0.77
C ILE B 381 -9.47 -26.80 -1.92
N THR B 382 -10.28 -26.36 -2.88
CA THR B 382 -9.80 -25.62 -4.04
C THR B 382 -10.70 -24.41 -4.28
N ASP B 383 -10.28 -23.56 -5.21
CA ASP B 383 -11.11 -22.45 -5.64
C ASP B 383 -12.32 -22.98 -6.41
N SER B 384 -13.52 -22.52 -6.03
CA SER B 384 -14.75 -23.07 -6.59
C SER B 384 -14.89 -22.84 -8.08
N ARG B 385 -14.03 -22.03 -8.69
CA ARG B 385 -14.15 -21.68 -10.11
C ARG B 385 -13.41 -22.66 -11.01
N GLN B 386 -12.86 -23.75 -10.47
CA GLN B 386 -12.13 -24.72 -11.27
C GLN B 386 -13.13 -25.61 -12.00
N THR B 387 -13.01 -25.67 -13.32
CA THR B 387 -13.82 -26.61 -14.09
C THR B 387 -13.24 -28.01 -14.08
N ASP B 388 -11.91 -28.14 -13.96
CA ASP B 388 -11.28 -29.44 -13.77
C ASP B 388 -11.60 -29.96 -12.36
N ILE B 389 -12.41 -31.01 -12.29
CA ILE B 389 -12.71 -31.66 -11.02
C ILE B 389 -11.43 -32.34 -10.53
N GLN B 390 -10.82 -31.77 -9.49
CA GLN B 390 -9.51 -32.23 -9.06
C GLN B 390 -9.61 -33.57 -8.35
N LEU B 391 -8.84 -34.54 -8.82
CA LEU B 391 -8.91 -35.90 -8.32
C LEU B 391 -7.86 -36.14 -7.25
N SER B 392 -8.06 -37.20 -6.49
CA SER B 392 -7.30 -37.54 -5.29
C SER B 392 -6.14 -38.44 -5.66
N PRO B 393 -5.12 -38.53 -4.80
CA PRO B 393 -4.03 -39.50 -5.06
C PRO B 393 -4.54 -40.91 -5.32
N LEU B 394 -5.72 -41.26 -4.79
CA LEU B 394 -6.35 -42.52 -5.14
C LEU B 394 -6.65 -42.61 -6.63
N GLU B 395 -7.31 -41.58 -7.18
CA GLU B 395 -7.67 -41.62 -8.60
C GLU B 395 -6.50 -41.32 -9.51
N LEU B 396 -5.57 -40.45 -9.09
CA LEU B 396 -4.36 -40.24 -9.88
C LEU B 396 -3.60 -41.55 -10.05
N LYS B 397 -3.57 -42.38 -9.02
CA LYS B 397 -3.01 -43.72 -9.13
C LYS B 397 -3.78 -44.56 -10.14
N GLU B 398 -5.08 -44.75 -9.90
CA GLU B 398 -5.87 -45.69 -10.70
C GLU B 398 -6.07 -45.21 -12.13
N MET B 399 -5.78 -43.95 -12.43
CA MET B 399 -5.80 -43.51 -13.82
C MET B 399 -4.61 -44.08 -14.60
N MET B 400 -3.46 -44.25 -13.94
CA MET B 400 -2.30 -44.87 -14.55
C MET B 400 -1.95 -46.08 -13.70
N SER B 401 -0.70 -46.18 -13.23
CA SER B 401 -0.21 -47.27 -12.39
C SER B 401 -0.49 -48.65 -12.99
N SER C 19 -41.97 -4.57 -3.89
CA SER C 19 -41.44 -4.60 -2.54
C SER C 19 -40.21 -5.51 -2.44
N HIS C 20 -40.15 -6.51 -3.32
CA HIS C 20 -39.06 -7.46 -3.35
C HIS C 20 -38.91 -8.04 -4.76
N MET C 21 -38.87 -7.14 -5.75
CA MET C 21 -38.70 -7.48 -7.16
C MET C 21 -37.23 -7.61 -7.51
N LYS C 22 -36.94 -8.56 -8.40
CA LYS C 22 -35.57 -8.96 -8.74
C LYS C 22 -35.11 -8.28 -10.02
N ALA C 23 -33.79 -8.10 -10.14
CA ALA C 23 -33.20 -7.44 -11.30
C ALA C 23 -31.79 -7.99 -11.51
N MET C 24 -31.19 -7.58 -12.63
CA MET C 24 -29.86 -8.05 -13.00
C MET C 24 -29.13 -7.00 -13.82
N ILE C 25 -27.92 -6.65 -13.39
CA ILE C 25 -27.03 -5.80 -14.18
C ILE C 25 -26.07 -6.69 -14.96
N LEU C 26 -25.92 -6.40 -16.26
CA LEU C 26 -24.91 -7.05 -17.08
C LEU C 26 -23.62 -6.23 -16.99
N ALA C 27 -22.60 -6.79 -16.35
CA ALA C 27 -21.37 -6.06 -16.07
C ALA C 27 -20.16 -6.97 -16.17
N ALA C 28 -20.14 -7.85 -17.17
CA ALA C 28 -19.04 -8.77 -17.37
C ALA C 28 -18.22 -8.47 -18.62
N GLY C 29 -18.61 -7.47 -19.40
CA GLY C 29 -17.94 -7.20 -20.66
C GLY C 29 -16.53 -6.68 -20.44
N LYS C 30 -15.64 -7.04 -21.38
CA LYS C 30 -14.26 -6.55 -21.33
C LYS C 30 -14.21 -5.02 -21.40
N GLY C 31 -15.09 -4.42 -22.19
CA GLY C 31 -15.02 -2.99 -22.37
C GLY C 31 -13.96 -2.56 -23.36
N THR C 32 -13.76 -3.34 -24.42
CA THR C 32 -12.64 -3.10 -25.34
C THR C 32 -12.70 -1.72 -25.96
N ARG C 33 -13.89 -1.12 -26.08
CA ARG C 33 -14.01 0.21 -26.67
C ARG C 33 -13.55 1.32 -25.73
N VAL C 34 -13.35 1.04 -24.45
CA VAL C 34 -12.95 2.05 -23.48
C VAL C 34 -11.50 1.88 -23.04
N ARG C 35 -10.77 0.92 -23.62
CA ARG C 35 -9.35 0.81 -23.37
C ARG C 35 -8.65 2.13 -23.72
N PRO C 36 -7.61 2.52 -22.97
CA PRO C 36 -6.90 1.78 -21.93
C PRO C 36 -7.47 1.88 -20.52
N ILE C 37 -8.63 2.54 -20.36
CA ILE C 37 -9.21 2.67 -19.02
C ILE C 37 -9.64 1.31 -18.50
N THR C 38 -10.19 0.46 -19.36
CA THR C 38 -10.63 -0.86 -18.90
C THR C 38 -9.47 -1.82 -18.65
N TYR C 39 -8.22 -1.37 -18.64
CA TYR C 39 -7.12 -2.26 -18.27
C TYR C 39 -7.09 -2.50 -16.77
N THR C 40 -7.36 -1.47 -15.96
CA THR C 40 -7.32 -1.58 -14.51
C THR C 40 -8.67 -1.35 -13.84
N ILE C 41 -9.62 -0.73 -14.52
CA ILE C 41 -10.96 -0.52 -13.98
C ILE C 41 -11.95 -1.03 -15.03
N PRO C 42 -12.91 -1.89 -14.67
CA PRO C 42 -13.86 -2.41 -15.68
C PRO C 42 -14.70 -1.30 -16.32
N LYS C 43 -15.63 -1.66 -17.20
CA LYS C 43 -16.40 -0.61 -17.84
C LYS C 43 -17.42 -0.02 -16.86
N PRO C 44 -18.04 -0.83 -15.98
CA PRO C 44 -18.62 -0.24 -14.77
C PRO C 44 -17.53 0.19 -13.81
N MET C 45 -17.90 0.72 -12.65
CA MET C 45 -16.93 1.17 -11.64
C MET C 45 -16.10 2.36 -12.11
N ILE C 46 -16.25 2.76 -13.37
CA ILE C 46 -15.56 3.94 -13.91
C ILE C 46 -16.08 5.18 -13.19
N PRO C 47 -15.24 5.90 -12.45
CA PRO C 47 -15.74 6.96 -11.56
C PRO C 47 -16.19 8.20 -12.32
N ILE C 48 -17.45 8.56 -12.16
CA ILE C 48 -17.94 9.88 -12.54
C ILE C 48 -17.66 10.82 -11.36
N LEU C 49 -16.65 11.68 -11.53
CA LEU C 49 -16.09 12.44 -10.42
C LEU C 49 -15.59 11.50 -9.33
N GLN C 50 -16.43 11.21 -8.35
CA GLN C 50 -16.09 10.27 -7.28
C GLN C 50 -17.02 9.07 -7.24
N LYS C 51 -18.31 9.28 -7.47
CA LYS C 51 -19.22 8.14 -7.59
C LYS C 51 -18.89 7.43 -8.89
N PRO C 52 -18.75 6.10 -8.87
CA PRO C 52 -18.42 5.40 -10.13
C PRO C 52 -19.56 5.41 -11.12
N VAL C 53 -20.17 4.25 -11.27
CA VAL C 53 -21.31 4.04 -12.16
C VAL C 53 -21.88 2.72 -11.68
N MET C 54 -23.03 2.30 -12.21
CA MET C 54 -23.76 1.14 -11.72
C MET C 54 -24.25 1.42 -10.29
N GLU C 55 -23.44 2.12 -9.49
CA GLU C 55 -23.95 2.65 -8.24
C GLU C 55 -25.18 3.51 -8.50
N PHE C 56 -25.14 4.30 -9.57
CA PHE C 56 -26.34 5.00 -10.03
C PHE C 56 -27.44 4.00 -10.37
N LEU C 57 -27.06 2.91 -11.05
CA LEU C 57 -28.04 1.89 -11.42
C LEU C 57 -28.56 1.17 -10.19
N VAL C 58 -27.67 0.79 -9.27
CA VAL C 58 -28.09 0.13 -8.04
C VAL C 58 -28.99 1.05 -7.23
N GLU C 59 -28.56 2.31 -7.06
CA GLU C 59 -29.40 3.28 -6.36
C GLU C 59 -30.69 3.56 -7.12
N LEU C 60 -30.71 3.33 -8.43
CA LEU C 60 -31.95 3.43 -9.19
C LEU C 60 -32.79 2.16 -9.06
N LEU C 61 -32.13 0.99 -9.07
CA LEU C 61 -32.86 -0.26 -8.91
C LEU C 61 -33.48 -0.37 -7.52
N ARG C 62 -32.78 0.15 -6.50
CA ARG C 62 -33.38 0.23 -5.17
C ARG C 62 -34.53 1.23 -5.15
N GLN C 63 -34.34 2.38 -5.81
CA GLN C 63 -35.38 3.40 -5.90
C GLN C 63 -36.69 2.84 -6.43
N HIS C 64 -36.64 1.75 -7.20
CA HIS C 64 -37.82 1.21 -7.87
C HIS C 64 -38.21 -0.17 -7.34
N GLY C 65 -37.81 -0.50 -6.12
CA GLY C 65 -38.21 -1.74 -5.49
C GLY C 65 -37.47 -2.97 -5.93
N PHE C 66 -36.46 -2.83 -6.78
CA PHE C 66 -35.64 -3.95 -7.23
C PHE C 66 -34.46 -4.10 -6.26
N ASN C 67 -34.73 -4.78 -5.14
CA ASN C 67 -33.76 -4.91 -4.06
C ASN C 67 -33.02 -6.23 -4.07
N GLN C 68 -33.35 -7.14 -4.98
CA GLN C 68 -32.65 -8.41 -5.14
C GLN C 68 -31.93 -8.37 -6.49
N ILE C 69 -30.65 -8.02 -6.46
CA ILE C 69 -29.88 -7.70 -7.65
C ILE C 69 -28.90 -8.83 -7.94
N MET C 70 -28.87 -9.28 -9.19
CA MET C 70 -27.85 -10.21 -9.68
C MET C 70 -26.88 -9.47 -10.58
N VAL C 71 -25.59 -9.78 -10.45
CA VAL C 71 -24.55 -9.15 -11.24
C VAL C 71 -23.63 -10.25 -11.75
N ASN C 72 -23.45 -10.32 -13.07
CA ASN C 72 -22.50 -11.23 -13.68
C ASN C 72 -21.21 -10.49 -13.98
N VAL C 73 -20.07 -11.11 -13.62
CA VAL C 73 -18.77 -10.46 -13.72
C VAL C 73 -17.77 -11.44 -14.32
N SER C 74 -16.77 -10.90 -15.00
CA SER C 74 -15.68 -11.67 -15.56
C SER C 74 -14.41 -10.82 -15.59
N HIS C 75 -14.39 -9.82 -16.46
CA HIS C 75 -13.24 -8.94 -16.59
C HIS C 75 -13.08 -8.09 -15.32
N LEU C 76 -11.92 -8.17 -14.69
CA LEU C 76 -11.63 -7.44 -13.46
C LEU C 76 -12.73 -7.68 -12.42
N ALA C 77 -12.98 -8.97 -12.16
CA ALA C 77 -14.14 -9.35 -11.37
C ALA C 77 -14.08 -8.80 -9.94
N HIS C 78 -12.94 -8.94 -9.26
CA HIS C 78 -12.90 -8.53 -7.86
C HIS C 78 -13.02 -7.03 -7.71
N GLU C 79 -12.67 -6.25 -8.74
CA GLU C 79 -12.83 -4.80 -8.65
C GLU C 79 -14.30 -4.41 -8.53
N ILE C 80 -15.20 -5.17 -9.14
CA ILE C 80 -16.62 -4.87 -9.05
C ILE C 80 -17.18 -5.34 -7.71
N GLU C 81 -16.95 -6.61 -7.36
CA GLU C 81 -17.56 -7.18 -6.16
C GLU C 81 -16.91 -6.69 -4.87
N SER C 82 -15.69 -6.15 -4.92
CA SER C 82 -15.10 -5.61 -3.71
C SER C 82 -15.78 -4.32 -3.28
N TYR C 83 -16.29 -3.55 -4.25
CA TYR C 83 -16.87 -2.25 -3.96
C TYR C 83 -18.31 -2.37 -3.47
N PHE C 84 -19.09 -3.27 -4.05
CA PHE C 84 -20.50 -3.43 -3.70
C PHE C 84 -20.75 -4.52 -2.67
N GLN C 85 -20.14 -5.69 -2.85
CA GLN C 85 -20.31 -6.86 -1.96
C GLN C 85 -21.80 -7.21 -1.94
N ASP C 86 -22.35 -7.63 -0.79
CA ASP C 86 -23.74 -8.07 -0.77
C ASP C 86 -24.71 -6.90 -0.97
N GLY C 87 -24.31 -5.69 -0.63
CA GLY C 87 -25.09 -4.52 -0.95
C GLY C 87 -25.94 -3.91 0.16
N GLN C 88 -25.75 -4.32 1.42
CA GLN C 88 -26.49 -3.68 2.51
C GLN C 88 -26.39 -2.16 2.43
N ARG C 89 -25.17 -1.66 2.24
CA ARG C 89 -24.92 -0.23 2.25
C ARG C 89 -25.69 0.49 1.15
N PHE C 90 -26.07 -0.22 0.10
CA PHE C 90 -26.96 0.29 -0.93
C PHE C 90 -28.42 -0.08 -0.68
N GLY C 91 -28.71 -0.70 0.45
CA GLY C 91 -30.08 -1.10 0.76
C GLY C 91 -30.62 -2.19 -0.13
N VAL C 92 -29.76 -3.04 -0.69
CA VAL C 92 -30.16 -4.12 -1.58
C VAL C 92 -29.35 -5.37 -1.23
N GLU C 93 -29.68 -6.46 -1.90
CA GLU C 93 -28.93 -7.70 -1.81
C GLU C 93 -28.34 -8.03 -3.18
N ILE C 94 -27.05 -8.33 -3.22
CA ILE C 94 -26.34 -8.53 -4.48
C ILE C 94 -25.56 -9.85 -4.39
N ALA C 95 -25.75 -10.70 -5.40
CA ALA C 95 -24.95 -11.90 -5.58
C ALA C 95 -24.31 -11.86 -6.96
N TYR C 96 -23.23 -12.61 -7.13
CA TYR C 96 -22.39 -12.53 -8.32
C TYR C 96 -22.31 -13.89 -9.01
N SER C 97 -22.55 -13.89 -10.32
CA SER C 97 -22.35 -15.07 -11.16
C SER C 97 -21.08 -14.85 -11.98
N PHE C 98 -20.03 -15.60 -11.64
CA PHE C 98 -18.76 -15.47 -12.32
C PHE C 98 -18.78 -16.30 -13.61
N GLU C 99 -18.40 -15.67 -14.72
CA GLU C 99 -18.36 -16.32 -16.02
C GLU C 99 -16.90 -16.44 -16.44
N GLY C 100 -16.31 -17.58 -16.13
CA GLY C 100 -14.92 -17.81 -16.47
C GLY C 100 -14.42 -19.11 -15.92
N TYR C 101 -13.10 -19.25 -15.89
CA TYR C 101 -12.47 -20.46 -15.38
C TYR C 101 -11.00 -20.16 -15.11
N ILE C 102 -10.44 -20.87 -14.14
CA ILE C 102 -9.06 -20.69 -13.71
C ILE C 102 -8.19 -21.74 -14.41
N LYS C 103 -6.93 -21.38 -14.64
CA LYS C 103 -5.98 -22.31 -15.22
C LYS C 103 -4.57 -21.86 -14.84
N ASP C 104 -3.80 -22.79 -14.28
CA ASP C 104 -2.41 -22.53 -13.89
C ASP C 104 -2.35 -21.41 -12.84
N GLY C 105 -3.34 -21.39 -11.94
CA GLY C 105 -3.43 -20.37 -10.92
C GLY C 105 -3.97 -19.03 -11.39
N GLU C 106 -3.88 -18.73 -12.68
CA GLU C 106 -4.39 -17.48 -13.21
C GLU C 106 -5.87 -17.59 -13.54
N LEU C 107 -6.57 -16.47 -13.43
CA LEU C 107 -8.03 -16.43 -13.57
C LEU C 107 -8.36 -15.87 -14.94
N VAL C 108 -8.95 -16.71 -15.79
CA VAL C 108 -9.26 -16.34 -17.17
C VAL C 108 -10.74 -16.00 -17.26
N GLY C 109 -11.06 -14.90 -17.93
CA GLY C 109 -12.45 -14.50 -18.13
C GLY C 109 -13.03 -15.18 -19.35
N LYS C 110 -14.22 -15.77 -19.17
CA LYS C 110 -14.91 -16.51 -20.23
C LYS C 110 -16.35 -16.01 -20.22
N ALA C 111 -16.59 -14.91 -20.94
CA ALA C 111 -17.91 -14.30 -20.96
C ALA C 111 -18.91 -15.20 -21.67
N LEU C 112 -20.13 -15.24 -21.13
CA LEU C 112 -21.19 -16.06 -21.68
C LEU C 112 -22.18 -15.28 -22.54
N GLY C 113 -21.96 -13.99 -22.73
CA GLY C 113 -22.89 -13.16 -23.47
C GLY C 113 -23.95 -12.54 -22.57
N SER C 114 -24.62 -11.53 -23.12
CA SER C 114 -25.66 -10.82 -22.36
C SER C 114 -26.81 -11.76 -21.99
N ALA C 115 -27.22 -12.62 -22.93
CA ALA C 115 -28.29 -13.57 -22.66
C ALA C 115 -27.79 -14.84 -21.99
N GLY C 116 -26.58 -15.30 -22.35
CA GLY C 116 -26.05 -16.51 -21.75
C GLY C 116 -25.80 -16.38 -20.26
N GLY C 117 -25.42 -15.20 -19.80
CA GLY C 117 -25.20 -15.00 -18.38
C GLY C 117 -26.46 -15.12 -17.55
N ILE C 118 -27.61 -14.74 -18.12
CA ILE C 118 -28.87 -14.91 -17.42
C ILE C 118 -29.22 -16.39 -17.30
N LYS C 119 -29.00 -17.16 -18.37
CA LYS C 119 -29.31 -18.58 -18.33
C LYS C 119 -28.46 -19.31 -17.31
N ARG C 120 -27.19 -18.92 -17.17
CA ARG C 120 -26.31 -19.56 -16.20
C ARG C 120 -26.84 -19.41 -14.78
N ILE C 121 -27.41 -18.24 -14.47
CA ILE C 121 -27.96 -18.01 -13.13
C ILE C 121 -29.15 -18.93 -12.88
N GLN C 122 -30.05 -19.04 -13.86
CA GLN C 122 -31.23 -19.88 -13.70
C GLN C 122 -30.86 -21.36 -13.59
N ASP C 123 -29.85 -21.79 -14.35
CA ASP C 123 -29.45 -23.19 -14.32
C ASP C 123 -28.78 -23.56 -12.99
N PHE C 124 -28.04 -22.63 -12.38
CA PHE C 124 -27.47 -22.86 -11.06
C PHE C 124 -28.57 -23.11 -10.04
N ASN C 125 -29.51 -22.16 -9.93
CA ASN C 125 -30.67 -22.27 -9.07
C ASN C 125 -31.75 -21.35 -9.63
N PRO C 126 -32.99 -21.82 -9.76
CA PRO C 126 -34.04 -20.96 -10.32
C PRO C 126 -34.28 -19.72 -9.48
N PHE C 127 -33.92 -18.55 -10.01
CA PHE C 127 -33.95 -17.32 -9.23
C PHE C 127 -34.92 -16.28 -9.78
N PHE C 128 -34.98 -16.09 -11.09
CA PHE C 128 -35.89 -15.11 -11.67
C PHE C 128 -37.29 -15.73 -11.74
N ASP C 129 -38.22 -15.22 -10.94
CA ASP C 129 -39.54 -15.85 -10.81
C ASP C 129 -40.74 -14.95 -11.08
N ASP C 130 -40.60 -13.63 -11.10
CA ASP C 130 -41.79 -12.79 -11.27
C ASP C 130 -41.36 -11.42 -11.85
N THR C 131 -41.22 -11.37 -13.17
CA THR C 131 -40.83 -10.19 -13.94
C THR C 131 -39.60 -9.46 -13.38
N PHE C 132 -38.57 -9.34 -14.20
CA PHE C 132 -37.31 -8.78 -13.71
C PHE C 132 -36.70 -7.88 -14.78
N VAL C 133 -35.97 -6.87 -14.32
CA VAL C 133 -35.33 -5.88 -15.18
C VAL C 133 -33.87 -6.28 -15.35
N VAL C 134 -33.40 -6.25 -16.60
CA VAL C 134 -31.99 -6.41 -16.91
C VAL C 134 -31.52 -5.18 -17.65
N LEU C 135 -30.31 -4.72 -17.32
CA LEU C 135 -29.81 -3.46 -17.87
C LEU C 135 -28.29 -3.45 -17.80
N CYS C 136 -27.66 -3.04 -18.89
CA CYS C 136 -26.21 -2.98 -18.95
C CYS C 136 -25.67 -1.94 -17.96
N GLY C 137 -24.60 -2.31 -17.27
CA GLY C 137 -24.06 -1.45 -16.22
C GLY C 137 -23.01 -0.48 -16.69
N ASP C 138 -23.11 -0.04 -17.95
CA ASP C 138 -22.15 0.89 -18.54
C ASP C 138 -22.82 2.16 -19.02
N ALA C 139 -23.96 2.51 -18.44
CA ALA C 139 -24.69 3.72 -18.83
C ALA C 139 -25.66 4.10 -17.73
N LEU C 140 -25.48 5.26 -17.14
CA LEU C 140 -26.37 5.72 -16.08
C LEU C 140 -27.63 6.32 -16.69
N ILE C 141 -28.78 6.04 -16.07
CA ILE C 141 -30.08 6.41 -16.58
C ILE C 141 -30.94 6.94 -15.44
N ASP C 142 -32.07 7.56 -15.80
CA ASP C 142 -33.02 8.05 -14.82
C ASP C 142 -34.46 7.67 -15.17
N LEU C 143 -34.65 6.65 -16.01
CA LEU C 143 -35.98 6.18 -16.33
C LEU C 143 -36.69 5.70 -15.08
N ASP C 144 -38.00 5.95 -15.01
CA ASP C 144 -38.83 5.43 -13.92
C ASP C 144 -39.30 4.01 -14.27
N LEU C 145 -38.60 3.02 -13.73
CA LEU C 145 -38.91 1.62 -14.04
C LEU C 145 -40.34 1.27 -13.63
N THR C 146 -40.67 1.50 -12.36
CA THR C 146 -42.03 1.23 -11.85
C THR C 146 -43.00 2.21 -12.52
N ALA C 147 -43.31 1.89 -13.77
CA ALA C 147 -44.11 2.68 -14.70
C ALA C 147 -43.92 2.06 -16.07
N ALA C 148 -42.65 1.85 -16.43
CA ALA C 148 -42.33 1.10 -17.63
C ALA C 148 -42.59 -0.39 -17.43
N VAL C 149 -42.21 -0.92 -16.27
CA VAL C 149 -42.55 -2.31 -15.95
C VAL C 149 -44.06 -2.46 -15.81
N ALA C 150 -44.74 -1.45 -15.27
CA ALA C 150 -46.19 -1.48 -15.21
C ALA C 150 -46.82 -1.39 -16.60
N TRP C 151 -46.04 -1.00 -17.61
CA TRP C 151 -46.51 -1.00 -19.00
C TRP C 151 -46.37 -2.38 -19.60
N HIS C 152 -45.37 -3.14 -19.15
CA HIS C 152 -45.11 -4.50 -19.58
C HIS C 152 -46.08 -5.50 -18.95
N ARG C 153 -46.91 -5.06 -18.00
CA ARG C 153 -47.91 -5.92 -17.38
C ARG C 153 -49.26 -5.96 -18.12
N GLN C 154 -49.79 -4.83 -18.57
CA GLN C 154 -51.12 -4.84 -19.19
C GLN C 154 -51.11 -5.31 -20.64
N LYS C 155 -49.95 -5.29 -21.29
CA LYS C 155 -49.85 -5.74 -22.67
C LYS C 155 -49.53 -7.23 -22.77
N GLY C 156 -49.20 -7.86 -21.65
CA GLY C 156 -48.93 -9.29 -21.63
C GLY C 156 -47.63 -9.65 -22.31
N ALA C 157 -46.65 -8.75 -22.27
CA ALA C 157 -45.39 -9.00 -22.95
C ALA C 157 -44.57 -10.05 -22.21
N ILE C 158 -43.91 -10.92 -22.97
CA ILE C 158 -42.90 -11.80 -22.39
C ILE C 158 -41.56 -11.09 -22.31
N ALA C 159 -41.39 -9.99 -23.03
CA ALA C 159 -40.15 -9.22 -23.07
C ALA C 159 -40.48 -7.82 -23.57
N THR C 160 -39.83 -6.81 -23.00
CA THR C 160 -40.12 -5.42 -23.33
C THR C 160 -38.81 -4.64 -23.46
N VAL C 161 -38.67 -3.95 -24.59
CA VAL C 161 -37.50 -3.11 -24.86
C VAL C 161 -37.88 -1.66 -24.64
N VAL C 162 -37.05 -0.94 -23.88
CA VAL C 162 -37.21 0.49 -23.67
C VAL C 162 -36.42 1.23 -24.75
N MET C 163 -37.07 2.19 -25.41
CA MET C 163 -36.51 2.86 -26.57
C MET C 163 -36.38 4.36 -26.33
N LYS C 164 -35.25 4.93 -26.72
CA LYS C 164 -35.06 6.36 -26.76
C LYS C 164 -35.12 6.85 -28.21
N THR C 165 -35.62 8.06 -28.39
CA THR C 165 -35.77 8.65 -29.72
C THR C 165 -34.58 9.57 -29.99
N VAL C 166 -33.73 9.19 -30.94
CA VAL C 166 -32.56 9.97 -31.32
C VAL C 166 -32.86 10.71 -32.62
N PRO C 167 -32.08 11.73 -32.99
CA PRO C 167 -32.30 12.38 -34.28
C PRO C 167 -32.16 11.44 -35.46
N ARG C 168 -32.67 11.88 -36.61
CA ARG C 168 -32.68 11.08 -37.82
C ARG C 168 -31.28 10.70 -38.31
N GLU C 169 -30.25 11.44 -37.90
CA GLU C 169 -28.92 11.23 -38.44
C GLU C 169 -28.10 10.20 -37.66
N ASP C 170 -28.30 10.09 -36.35
CA ASP C 170 -27.47 9.24 -35.51
C ASP C 170 -27.97 7.79 -35.45
N VAL C 171 -28.74 7.35 -36.45
CA VAL C 171 -29.20 5.96 -36.48
C VAL C 171 -28.12 4.98 -36.88
N SER C 172 -26.97 5.48 -37.34
CA SER C 172 -25.87 4.59 -37.82
C SER C 172 -24.96 4.19 -36.65
N TYR C 174 -26.32 3.30 -33.48
CA TYR C 174 -27.04 2.38 -32.55
C TYR C 174 -28.04 1.51 -33.32
N GLY C 175 -28.54 0.47 -32.66
CA GLY C 175 -29.50 -0.41 -33.33
C GLY C 175 -30.90 0.18 -33.35
N VAL C 176 -31.54 0.11 -34.51
CA VAL C 176 -32.87 0.69 -34.72
C VAL C 176 -33.91 -0.39 -34.50
N VAL C 177 -35.02 -0.01 -33.85
CA VAL C 177 -36.12 -0.93 -33.55
C VAL C 177 -37.36 -0.46 -34.30
N VAL C 178 -37.96 -1.36 -35.05
CA VAL C 178 -39.17 -1.08 -35.82
C VAL C 178 -40.34 -1.76 -35.13
N THR C 179 -41.37 -0.98 -34.80
CA THR C 179 -42.58 -1.48 -34.15
C THR C 179 -43.80 -1.03 -34.94
N ASP C 180 -44.86 -1.85 -34.90
CA ASP C 180 -46.10 -1.49 -35.55
C ASP C 180 -46.96 -0.62 -34.64
N LYS C 181 -48.28 -0.63 -34.85
CA LYS C 181 -49.20 0.16 -34.04
C LYS C 181 -49.68 -0.57 -32.80
N SER C 182 -49.48 -1.88 -32.72
CA SER C 182 -49.71 -2.63 -31.50
C SER C 182 -48.56 -2.48 -30.49
N ASP C 183 -47.59 -1.62 -30.81
CA ASP C 183 -46.37 -1.46 -30.02
C ASP C 183 -45.56 -2.76 -29.99
N ARG C 184 -45.72 -3.58 -31.03
CA ARG C 184 -45.05 -4.87 -31.14
C ARG C 184 -43.85 -4.76 -32.07
N ILE C 185 -42.74 -5.36 -31.65
CA ILE C 185 -41.52 -5.33 -32.46
C ILE C 185 -41.69 -6.28 -33.65
N VAL C 186 -41.30 -5.81 -34.84
CA VAL C 186 -41.53 -6.57 -36.06
C VAL C 186 -40.22 -6.78 -36.81
N ALA C 187 -39.26 -5.86 -36.66
CA ALA C 187 -38.01 -5.95 -37.39
C ALA C 187 -36.91 -5.24 -36.60
N PHE C 188 -35.67 -5.66 -36.85
CA PHE C 188 -34.50 -5.07 -36.22
C PHE C 188 -33.53 -4.55 -37.27
N GLN C 189 -32.58 -3.73 -36.82
CA GLN C 189 -31.61 -3.10 -37.73
C GLN C 189 -30.41 -2.66 -36.88
N GLU C 190 -29.32 -3.42 -36.96
CA GLU C 190 -28.11 -3.11 -36.21
C GLU C 190 -27.26 -2.12 -37.01
N LYS C 191 -27.10 -0.92 -36.47
CA LYS C 191 -26.31 0.14 -37.08
C LYS C 191 -26.59 0.34 -38.58
N PRO C 192 -27.81 0.75 -38.94
CA PRO C 192 -28.10 1.06 -40.34
C PRO C 192 -27.92 2.54 -40.64
N SER C 193 -27.70 2.84 -41.92
CA SER C 193 -27.43 4.21 -42.34
C SER C 193 -28.67 5.09 -42.13
N VAL C 194 -28.51 6.38 -42.44
CA VAL C 194 -29.57 7.35 -42.18
C VAL C 194 -30.79 7.08 -43.05
N GLU C 195 -30.58 6.78 -44.34
CA GLU C 195 -31.69 6.49 -45.23
C GLU C 195 -32.19 5.06 -45.07
N GLU C 196 -31.29 4.12 -44.79
CA GLU C 196 -31.68 2.71 -44.69
C GLU C 196 -32.57 2.47 -43.48
N ALA C 197 -32.35 3.19 -42.38
CA ALA C 197 -33.13 2.98 -41.17
C ALA C 197 -34.60 3.26 -41.44
N LEU C 198 -35.47 2.44 -40.83
CA LEU C 198 -36.90 2.57 -41.04
C LEU C 198 -37.57 3.42 -39.97
N SER C 199 -37.02 3.44 -38.76
CA SER C 199 -37.54 4.25 -37.68
C SER C 199 -36.38 4.97 -36.99
N ASN C 200 -36.69 5.76 -35.97
CA ASN C 200 -35.69 6.46 -35.19
C ASN C 200 -35.80 6.13 -33.70
N HIS C 201 -36.18 4.89 -33.39
CA HIS C 201 -36.26 4.39 -32.04
C HIS C 201 -35.16 3.35 -31.85
N ILE C 202 -34.30 3.55 -30.86
CA ILE C 202 -33.11 2.74 -30.69
C ILE C 202 -33.23 1.91 -29.42
N ASN C 203 -32.59 0.74 -29.44
CA ASN C 203 -32.48 -0.11 -28.26
C ASN C 203 -31.44 0.47 -27.30
N THR C 204 -31.88 0.82 -26.11
CA THR C 204 -31.02 1.42 -25.10
C THR C 204 -30.43 0.40 -24.12
N GLY C 205 -30.65 -0.89 -24.37
CA GLY C 205 -30.14 -1.91 -23.46
C GLY C 205 -30.87 -1.99 -22.14
N ILE C 206 -32.15 -1.63 -22.12
CA ILE C 206 -32.96 -1.66 -20.91
C ILE C 206 -34.14 -2.57 -21.19
N TYR C 207 -33.99 -3.85 -20.83
CA TYR C 207 -35.00 -4.86 -21.13
C TYR C 207 -35.76 -5.24 -19.87
N ILE C 208 -36.99 -5.71 -20.06
CA ILE C 208 -37.86 -6.18 -18.98
C ILE C 208 -38.36 -7.56 -19.37
N PHE C 209 -37.93 -8.59 -18.63
CA PHE C 209 -38.19 -9.96 -19.00
C PHE C 209 -39.13 -10.63 -18.01
N GLU C 210 -39.96 -11.53 -18.52
CA GLU C 210 -40.71 -12.56 -17.82
C GLU C 210 -39.85 -13.81 -17.67
N PRO C 211 -39.95 -14.53 -16.55
CA PRO C 211 -39.11 -15.73 -16.38
C PRO C 211 -39.30 -16.79 -17.46
N GLU C 212 -40.32 -16.65 -18.32
CA GLU C 212 -40.52 -17.61 -19.40
C GLU C 212 -39.60 -17.38 -20.59
N VAL C 213 -39.06 -16.17 -20.75
CA VAL C 213 -38.17 -15.90 -21.88
C VAL C 213 -36.86 -16.64 -21.73
N ILE C 214 -36.48 -17.01 -20.50
CA ILE C 214 -35.24 -17.73 -20.24
C ILE C 214 -35.27 -19.14 -20.83
N ASP C 215 -36.45 -19.62 -21.24
CA ASP C 215 -36.53 -20.92 -21.89
C ASP C 215 -35.91 -20.87 -23.28
N TYR C 216 -36.08 -19.75 -23.99
CA TYR C 216 -35.52 -19.61 -25.34
C TYR C 216 -34.00 -19.51 -25.35
N ILE C 217 -33.37 -19.40 -24.19
CA ILE C 217 -31.91 -19.33 -24.11
C ILE C 217 -31.37 -20.73 -23.85
N PRO C 218 -30.43 -21.21 -24.66
CA PRO C 218 -29.89 -22.56 -24.47
C PRO C 218 -28.88 -22.60 -23.32
N SER C 219 -28.75 -23.79 -22.75
CA SER C 219 -27.81 -24.01 -21.65
C SER C 219 -26.42 -24.31 -22.18
N ASN C 220 -25.41 -23.97 -21.37
CA ASN C 220 -24.01 -24.25 -21.69
C ASN C 220 -23.62 -23.67 -23.05
N GLN C 221 -24.14 -22.49 -23.36
CA GLN C 221 -23.88 -21.83 -24.63
C GLN C 221 -23.72 -20.34 -24.43
N GLU C 222 -22.76 -19.75 -25.14
CA GLU C 222 -22.69 -18.30 -25.24
C GLU C 222 -23.82 -17.81 -26.14
N TYR C 223 -24.52 -16.75 -25.70
CA TYR C 223 -25.74 -16.33 -26.37
C TYR C 223 -26.00 -14.87 -26.04
N ASP C 224 -26.19 -14.05 -27.07
CA ASP C 224 -26.42 -12.61 -26.91
C ASP C 224 -27.92 -12.30 -26.94
N ILE C 225 -28.27 -11.17 -26.34
CA ILE C 225 -29.67 -10.76 -26.26
C ILE C 225 -30.15 -10.15 -27.58
N GLY C 226 -29.45 -9.11 -28.04
CA GLY C 226 -29.97 -8.32 -29.14
C GLY C 226 -29.79 -8.93 -30.51
N SER C 227 -28.78 -9.78 -30.69
CA SER C 227 -28.48 -10.35 -32.00
C SER C 227 -29.00 -11.76 -32.18
N GLN C 228 -29.38 -12.44 -31.09
CA GLN C 228 -29.82 -13.83 -31.18
C GLN C 228 -31.16 -14.07 -30.51
N LEU C 229 -31.28 -13.68 -29.24
CA LEU C 229 -32.52 -13.95 -28.50
C LEU C 229 -33.68 -13.12 -29.04
N PHE C 230 -33.43 -11.86 -29.38
CA PHE C 230 -34.50 -10.98 -29.84
C PHE C 230 -34.94 -11.33 -31.26
N PRO C 231 -34.03 -11.68 -32.18
CA PRO C 231 -34.49 -12.28 -33.43
C PRO C 231 -35.26 -13.58 -33.24
N LYS C 232 -34.84 -14.42 -32.29
CA LYS C 232 -35.57 -15.66 -31.99
C LYS C 232 -37.00 -15.35 -31.58
N LEU C 233 -37.22 -14.26 -30.86
CA LEU C 233 -38.56 -13.92 -30.39
C LEU C 233 -39.42 -13.37 -31.52
N VAL C 234 -38.82 -12.69 -32.48
CA VAL C 234 -39.58 -12.16 -33.61
C VAL C 234 -40.01 -13.29 -34.53
N GLU C 235 -39.14 -14.27 -34.75
CA GLU C 235 -39.47 -15.39 -35.62
C GLU C 235 -40.60 -16.23 -35.01
N MET C 236 -40.45 -16.63 -33.76
CA MET C 236 -41.43 -17.49 -33.09
C MET C 236 -42.73 -16.76 -32.75
N GLY C 237 -42.81 -15.46 -32.98
CA GLY C 237 -44.04 -14.71 -32.73
C GLY C 237 -44.44 -14.68 -31.27
N ALA C 238 -43.50 -14.32 -30.40
CA ALA C 238 -43.75 -14.19 -28.98
C ALA C 238 -44.29 -12.81 -28.64
N PRO C 239 -44.97 -12.65 -27.50
CA PRO C 239 -45.40 -11.31 -27.09
C PRO C 239 -44.22 -10.39 -26.81
N PHE C 240 -43.60 -9.89 -27.87
CA PHE C 240 -42.39 -9.08 -27.77
C PHE C 240 -42.75 -7.64 -28.12
N TYR C 241 -42.69 -6.76 -27.14
CA TYR C 241 -43.21 -5.40 -27.26
C TYR C 241 -42.11 -4.39 -26.91
N GLY C 242 -42.35 -3.13 -27.30
CA GLY C 242 -41.40 -2.07 -27.07
C GLY C 242 -42.01 -0.79 -26.54
N LEU C 243 -41.38 -0.20 -25.51
CA LEU C 243 -41.86 1.03 -24.90
C LEU C 243 -40.82 2.15 -25.11
N ALA C 244 -41.31 3.39 -25.08
CA ALA C 244 -40.48 4.56 -25.30
C ALA C 244 -40.90 5.67 -24.34
N MET C 245 -40.05 6.71 -24.28
CA MET C 245 -40.22 7.93 -23.50
C MET C 245 -38.89 8.64 -23.31
N ASP C 246 -38.93 9.97 -23.22
CA ASP C 246 -37.73 10.76 -23.03
C ASP C 246 -37.15 10.52 -21.64
N PHE C 247 -35.85 10.25 -21.58
CA PHE C 247 -35.16 10.08 -20.30
C PHE C 247 -33.67 10.25 -20.51
N GLU C 248 -32.99 10.71 -19.47
CA GLU C 248 -31.55 10.92 -19.54
C GLU C 248 -30.83 9.60 -19.75
N TRP C 249 -30.07 9.51 -20.83
CA TRP C 249 -29.33 8.30 -21.19
C TRP C 249 -27.93 8.70 -21.59
N ILE C 250 -26.96 8.44 -20.71
CA ILE C 250 -25.56 8.78 -20.95
C ILE C 250 -24.82 7.48 -21.22
N ASP C 251 -24.59 7.18 -22.50
CA ASP C 251 -23.86 5.99 -22.89
C ASP C 251 -22.38 6.33 -23.00
N ILE C 252 -21.58 5.79 -22.08
CA ILE C 252 -20.13 5.96 -22.16
C ILE C 252 -19.61 4.91 -23.14
N GLY C 253 -19.48 5.29 -24.40
CA GLY C 253 -19.02 4.36 -25.42
C GLY C 253 -17.52 4.23 -25.44
N LYS C 254 -16.84 5.31 -25.81
CA LYS C 254 -15.38 5.36 -25.79
C LYS C 254 -14.93 6.41 -24.78
N VAL C 255 -13.61 6.45 -24.56
CA VAL C 255 -13.00 7.30 -23.54
C VAL C 255 -13.39 8.77 -23.70
N PRO C 256 -13.38 9.35 -24.91
CA PRO C 256 -13.83 10.74 -25.03
C PRO C 256 -15.27 10.97 -24.57
N ASP C 257 -16.13 9.96 -24.67
CA ASP C 257 -17.49 10.11 -24.15
C ASP C 257 -17.49 10.22 -22.63
N TYR C 258 -16.54 9.54 -21.96
CA TYR C 258 -16.41 9.70 -20.52
C TYR C 258 -15.86 11.09 -20.18
N TRP C 259 -14.92 11.58 -20.99
CA TRP C 259 -14.42 12.95 -20.81
C TRP C 259 -15.55 13.96 -20.98
N GLN C 260 -16.47 13.70 -21.92
CA GLN C 260 -17.61 14.60 -22.10
C GLN C 260 -18.54 14.55 -20.90
N ALA C 261 -18.75 13.37 -20.32
CA ALA C 261 -19.70 13.23 -19.22
C ALA C 261 -19.24 13.99 -17.97
N VAL C 262 -17.95 13.89 -17.64
CA VAL C 262 -17.43 14.58 -16.46
C VAL C 262 -17.59 16.09 -16.61
N ARG C 263 -17.28 16.62 -17.79
CA ARG C 263 -17.46 18.05 -18.03
C ARG C 263 -18.93 18.45 -17.97
N GLY C 264 -19.81 17.63 -18.57
CA GLY C 264 -21.23 17.95 -18.57
C GLY C 264 -21.81 18.04 -17.17
N VAL C 265 -21.37 17.16 -16.27
CA VAL C 265 -21.82 17.23 -14.89
C VAL C 265 -21.34 18.51 -14.23
N LEU C 266 -20.14 18.97 -14.60
CA LEU C 266 -19.63 20.22 -14.03
C LEU C 266 -20.43 21.42 -14.54
N ASN C 267 -20.91 21.35 -15.79
CA ASN C 267 -21.76 22.42 -16.30
C ASN C 267 -23.13 22.40 -15.63
N GLY C 268 -23.76 21.24 -15.55
CA GLY C 268 -25.15 21.13 -15.17
C GLY C 268 -26.05 20.59 -16.27
N THR C 269 -25.49 20.20 -17.40
CA THR C 269 -26.23 19.67 -18.54
C THR C 269 -26.83 18.28 -18.31
N ILE C 270 -26.50 17.60 -17.22
CA ILE C 270 -27.20 16.38 -16.85
C ILE C 270 -28.27 16.63 -15.78
N LYS C 271 -28.15 17.72 -15.01
CA LYS C 271 -29.06 18.15 -13.94
C LYS C 271 -29.09 17.27 -12.70
N ASN C 272 -29.36 15.97 -12.84
CA ASN C 272 -29.65 15.17 -11.65
C ASN C 272 -28.40 14.71 -10.90
N VAL C 273 -27.21 14.87 -11.47
CA VAL C 273 -25.99 14.35 -10.87
C VAL C 273 -25.41 15.41 -9.93
N SER C 274 -25.07 15.00 -8.72
CA SER C 274 -24.47 15.90 -7.75
C SER C 274 -22.96 16.04 -8.00
N ILE C 275 -22.41 17.10 -7.43
CA ILE C 275 -20.98 17.39 -7.50
C ILE C 275 -20.41 17.26 -6.10
N PRO C 276 -19.34 16.51 -5.89
CA PRO C 276 -18.83 16.30 -4.53
C PRO C 276 -18.19 17.55 -3.93
N GLY C 277 -17.71 17.43 -2.69
CA GLY C 277 -17.18 18.57 -1.98
C GLY C 277 -18.25 19.60 -1.67
N HIS C 278 -17.79 20.73 -1.17
CA HIS C 278 -18.64 21.90 -0.98
C HIS C 278 -18.14 23.03 -1.86
N GLU C 279 -19.05 23.91 -2.25
CA GLU C 279 -18.72 25.01 -3.16
C GLU C 279 -17.93 26.06 -2.39
N GLN C 280 -16.61 26.07 -2.59
CA GLN C 280 -15.77 27.07 -1.94
C GLN C 280 -16.06 28.46 -2.52
N PHE C 281 -16.01 28.57 -3.84
CA PHE C 281 -16.44 29.73 -4.59
C PHE C 281 -17.40 29.26 -5.68
N PRO C 282 -18.25 30.15 -6.20
CA PRO C 282 -19.23 29.74 -7.22
C PRO C 282 -18.63 28.96 -8.39
N GLY C 283 -18.98 27.68 -8.46
CA GLY C 283 -18.47 26.79 -9.48
C GLY C 283 -17.14 26.12 -9.15
N ILE C 284 -16.59 26.35 -7.98
CA ILE C 284 -15.30 25.78 -7.58
C ILE C 284 -15.57 24.88 -6.38
N TYR C 285 -15.64 23.58 -6.61
CA TYR C 285 -15.88 22.60 -5.57
C TYR C 285 -14.57 21.91 -5.21
N THR C 286 -14.16 22.01 -3.95
CA THR C 286 -12.92 21.42 -3.48
C THR C 286 -13.21 20.17 -2.66
N GLY C 287 -12.24 19.26 -2.63
CA GLY C 287 -12.33 18.09 -1.81
C GLY C 287 -12.14 18.40 -0.34
N LEU C 288 -11.30 17.60 0.34
CA LEU C 288 -11.02 17.79 1.75
C LEU C 288 -9.55 18.10 1.91
N ASN C 289 -9.25 19.25 2.53
CA ASN C 289 -7.88 19.72 2.78
C ASN C 289 -7.11 19.87 1.46
N VAL C 290 -7.63 20.74 0.61
CA VAL C 290 -6.97 21.10 -0.64
C VAL C 290 -5.99 22.23 -0.35
N ALA C 291 -4.70 21.96 -0.55
CA ALA C 291 -3.64 22.93 -0.29
C ALA C 291 -3.51 23.87 -1.49
N VAL C 292 -4.13 25.04 -1.40
CA VAL C 292 -4.08 26.02 -2.46
C VAL C 292 -4.05 27.42 -1.86
N ASN C 293 -3.39 28.34 -2.55
CA ASN C 293 -3.29 29.74 -2.17
C ASN C 293 -4.13 30.51 -3.19
N TRP C 294 -5.39 30.76 -2.84
CA TRP C 294 -6.38 31.24 -3.79
C TRP C 294 -5.98 32.55 -4.45
N ASP C 295 -5.12 33.34 -3.81
CA ASP C 295 -4.73 34.63 -4.39
C ASP C 295 -3.88 34.45 -5.64
N LYS C 296 -2.87 33.56 -5.58
CA LYS C 296 -1.84 33.48 -6.61
C LYS C 296 -2.10 32.35 -7.60
N VAL C 297 -3.37 32.01 -7.84
CA VAL C 297 -3.73 31.00 -8.83
C VAL C 297 -4.87 31.53 -9.68
N THR C 298 -5.01 30.95 -10.87
CA THR C 298 -6.04 31.35 -11.84
C THR C 298 -6.96 30.16 -12.10
N ILE C 299 -8.03 30.07 -11.30
CA ILE C 299 -9.00 28.99 -11.41
C ILE C 299 -10.32 29.59 -11.91
N GLN C 300 -10.81 29.07 -13.03
CA GLN C 300 -12.04 29.56 -13.67
C GLN C 300 -13.05 28.42 -13.70
N GLY C 301 -14.11 28.54 -12.90
CA GLY C 301 -15.11 27.51 -12.80
C GLY C 301 -15.79 27.19 -14.12
N PRO C 302 -16.48 26.04 -14.19
CA PRO C 302 -16.65 25.10 -13.07
C PRO C 302 -15.50 24.11 -12.93
N VAL C 303 -15.00 23.93 -11.71
CA VAL C 303 -13.84 23.08 -11.46
C VAL C 303 -14.08 22.30 -10.18
N TYR C 304 -13.77 21.00 -10.21
CA TYR C 304 -13.75 20.16 -9.02
C TYR C 304 -12.31 19.75 -8.72
N ILE C 305 -11.90 19.91 -7.46
CA ILE C 305 -10.55 19.60 -7.02
C ILE C 305 -10.66 18.59 -5.88
N GLY C 306 -10.18 17.36 -6.13
CA GLY C 306 -10.22 16.34 -5.10
C GLY C 306 -9.36 16.70 -3.90
N GLY C 307 -9.61 16.00 -2.81
CA GLY C 307 -8.92 16.29 -1.57
C GLY C 307 -7.43 15.94 -1.62
N MET C 308 -6.68 16.56 -0.71
CA MET C 308 -5.24 16.37 -0.60
C MET C 308 -4.50 16.71 -1.89
N THR C 309 -5.08 17.60 -2.69
CA THR C 309 -4.45 18.09 -3.91
C THR C 309 -3.81 19.44 -3.63
N LYS C 310 -2.56 19.60 -4.07
CA LYS C 310 -1.85 20.86 -3.93
C LYS C 310 -1.78 21.55 -5.29
N ILE C 311 -2.21 22.81 -5.33
CA ILE C 311 -2.13 23.63 -6.53
C ILE C 311 -1.17 24.77 -6.21
N GLU C 312 0.06 24.66 -6.71
CA GLU C 312 1.08 25.64 -6.41
C GLU C 312 0.75 26.98 -7.09
N ASP C 313 1.32 28.05 -6.55
CA ASP C 313 1.05 29.39 -7.04
C ASP C 313 1.39 29.52 -8.51
N GLY C 314 0.54 30.23 -9.25
CA GLY C 314 0.76 30.45 -10.66
C GLY C 314 0.21 29.38 -11.59
N ALA C 315 -0.72 28.56 -11.13
CA ALA C 315 -1.34 27.57 -11.98
C ALA C 315 -2.56 28.16 -12.69
N THR C 316 -3.06 27.42 -13.68
CA THR C 316 -4.20 27.86 -14.49
C THR C 316 -5.10 26.67 -14.72
N ILE C 317 -6.31 26.71 -14.15
CA ILE C 317 -7.32 25.67 -14.35
C ILE C 317 -8.57 26.33 -14.92
N ILE C 318 -8.97 25.89 -16.11
CA ILE C 318 -10.11 26.46 -16.82
C ILE C 318 -11.17 25.38 -16.96
N GLY C 319 -12.33 25.61 -16.36
CA GLY C 319 -13.40 24.64 -16.37
C GLY C 319 -14.13 24.57 -17.69
N PRO C 320 -14.95 23.52 -17.87
CA PRO C 320 -15.20 22.43 -16.92
C PRO C 320 -14.03 21.46 -16.80
N THR C 321 -13.43 21.39 -15.61
CA THR C 321 -12.25 20.57 -15.39
C THR C 321 -12.34 19.85 -14.06
N MET C 322 -12.06 18.54 -14.08
CA MET C 322 -11.93 17.74 -12.86
C MET C 322 -10.46 17.47 -12.58
N ILE C 323 -10.05 17.71 -11.35
CA ILE C 323 -8.71 17.36 -10.87
C ILE C 323 -8.90 16.43 -9.68
N GLY C 324 -8.56 15.15 -9.89
CA GLY C 324 -8.78 14.13 -8.89
C GLY C 324 -8.02 14.38 -7.60
N PRO C 325 -8.34 13.59 -6.57
CA PRO C 325 -7.68 13.77 -5.27
C PRO C 325 -6.20 13.41 -5.34
N ASN C 326 -5.45 13.99 -4.40
CA ASN C 326 -4.03 13.70 -4.23
C ASN C 326 -3.23 14.03 -5.49
N CYS C 327 -3.50 15.19 -6.08
CA CYS C 327 -2.78 15.67 -7.24
C CYS C 327 -1.83 16.79 -6.86
N HIS C 328 -0.94 17.12 -7.79
CA HIS C 328 0.04 18.19 -7.58
C HIS C 328 0.17 18.97 -8.88
N ILE C 329 -0.32 20.20 -8.90
CA ILE C 329 -0.26 21.07 -10.06
C ILE C 329 0.88 22.06 -9.82
N CYS C 330 2.02 21.82 -10.45
CA CYS C 330 3.19 22.68 -10.27
C CYS C 330 2.90 24.07 -10.85
N SER C 331 3.77 25.01 -10.48
CA SER C 331 3.62 26.40 -10.92
C SER C 331 3.74 26.50 -12.44
N GLY C 332 3.01 27.45 -13.01
CA GLY C 332 3.05 27.68 -14.43
C GLY C 332 2.38 26.63 -15.28
N ALA C 333 1.58 25.74 -14.69
CA ALA C 333 0.81 24.77 -15.46
C ALA C 333 -0.52 25.37 -15.87
N VAL C 334 -1.03 24.90 -17.01
CA VAL C 334 -2.28 25.41 -17.59
C VAL C 334 -3.15 24.21 -17.93
N VAL C 335 -4.25 24.03 -17.21
CA VAL C 335 -5.21 22.97 -17.46
C VAL C 335 -6.47 23.63 -18.03
N ASP C 336 -6.78 23.33 -19.28
CA ASP C 336 -7.93 23.92 -19.97
C ASP C 336 -8.87 22.79 -20.38
N ASN C 337 -9.97 22.65 -19.63
CA ASN C 337 -11.08 21.77 -20.00
C ASN C 337 -10.63 20.31 -20.09
N CYS C 338 -10.07 19.83 -18.97
CA CYS C 338 -9.47 18.50 -18.91
C CYS C 338 -10.06 17.70 -17.75
N VAL C 339 -9.83 16.40 -17.77
CA VAL C 339 -10.22 15.49 -16.69
C VAL C 339 -8.96 14.81 -16.18
N ILE C 340 -8.59 15.12 -14.94
CA ILE C 340 -7.39 14.57 -14.30
C ILE C 340 -7.80 13.63 -13.19
N PHE C 341 -7.22 12.44 -13.16
CA PHE C 341 -7.50 11.47 -12.12
C PHE C 341 -6.51 11.58 -10.97
N GLU C 342 -6.72 10.74 -9.95
CA GLU C 342 -5.96 10.79 -8.71
C GLU C 342 -4.49 10.47 -8.92
N TYR C 343 -3.66 11.02 -8.04
CA TYR C 343 -2.21 10.81 -8.03
C TYR C 343 -1.61 11.16 -9.40
N SER C 344 -1.70 12.44 -9.73
CA SER C 344 -1.13 13.00 -10.94
C SER C 344 -0.29 14.21 -10.60
N ARG C 345 0.84 14.36 -11.27
CA ARG C 345 1.79 15.44 -11.02
C ARG C 345 1.99 16.19 -12.34
N LEU C 346 1.37 17.37 -12.45
CA LEU C 346 1.51 18.20 -13.65
C LEU C 346 2.63 19.19 -13.40
N GLY C 347 3.80 18.92 -13.98
CA GLY C 347 4.96 19.76 -13.77
C GLY C 347 4.82 21.12 -14.43
N SER C 348 5.80 21.97 -14.15
CA SER C 348 5.81 23.30 -14.74
C SER C 348 5.93 23.21 -16.26
N ASP C 349 5.34 24.19 -16.93
CA ASP C 349 5.38 24.31 -18.39
C ASP C 349 4.73 23.11 -19.09
N VAL C 350 3.50 22.80 -18.66
CA VAL C 350 2.64 21.86 -19.37
C VAL C 350 1.32 22.58 -19.64
N ARG C 351 0.77 22.37 -20.83
CA ARG C 351 -0.49 23.00 -21.23
C ARG C 351 -1.40 21.93 -21.81
N LEU C 352 -2.34 21.46 -21.01
CA LEU C 352 -3.30 20.43 -21.41
C LEU C 352 -4.61 21.09 -21.80
N VAL C 353 -5.05 20.87 -23.04
CA VAL C 353 -6.33 21.37 -23.53
C VAL C 353 -7.10 20.19 -24.11
N ASP C 354 -8.30 19.97 -23.60
CA ASP C 354 -9.19 18.89 -24.05
C ASP C 354 -8.47 17.54 -23.96
N LYS C 355 -8.01 17.23 -22.76
CA LYS C 355 -7.23 16.01 -22.51
C LYS C 355 -7.79 15.26 -21.31
N LEU C 356 -7.55 13.96 -21.28
CA LEU C 356 -7.87 13.11 -20.14
C LEU C 356 -6.60 12.38 -19.72
N VAL C 357 -6.20 12.59 -18.47
CA VAL C 357 -5.00 11.95 -17.92
C VAL C 357 -5.46 10.85 -16.97
N PHE C 358 -5.05 9.62 -17.26
CA PHE C 358 -5.42 8.44 -16.47
C PHE C 358 -4.14 7.68 -16.13
N GLY C 359 -3.58 7.96 -14.95
CA GLY C 359 -2.37 7.30 -14.52
C GLY C 359 -1.19 7.61 -15.42
N ARG C 360 -0.94 6.74 -16.40
CA ARG C 360 0.14 6.91 -17.35
C ARG C 360 -0.35 7.13 -18.78
N TYR C 361 -1.66 7.24 -18.98
CA TYR C 361 -2.24 7.40 -20.31
C TYR C 361 -2.82 8.80 -20.45
N CYS C 362 -2.66 9.38 -21.64
CA CYS C 362 -3.17 10.72 -21.95
C CYS C 362 -4.04 10.63 -23.19
N VAL C 363 -5.35 10.80 -23.02
CA VAL C 363 -6.32 10.73 -24.11
C VAL C 363 -6.87 12.12 -24.36
N ASP C 364 -6.94 12.51 -25.63
CA ASP C 364 -7.49 13.79 -26.03
C ASP C 364 -8.96 13.65 -26.41
N LYS C 365 -9.55 14.75 -26.88
CA LYS C 365 -10.97 14.77 -27.21
C LYS C 365 -11.31 13.99 -28.47
N THR C 366 -10.31 13.45 -29.18
CA THR C 366 -10.55 12.69 -30.40
C THR C 366 -10.28 11.20 -30.26
N GLY C 367 -9.63 10.76 -29.17
CA GLY C 367 -9.32 9.36 -28.98
C GLY C 367 -7.85 9.03 -29.02
N THR C 368 -6.99 9.96 -29.44
CA THR C 368 -5.55 9.70 -29.46
C THR C 368 -5.05 9.43 -28.05
N THR C 369 -4.28 8.35 -27.90
CA THR C 369 -3.79 7.91 -26.60
C THR C 369 -2.27 7.97 -26.59
N ILE C 370 -1.72 8.66 -25.59
CA ILE C 370 -0.28 8.81 -25.40
C ILE C 370 0.12 8.02 -24.16
N ASP C 371 1.20 7.23 -24.29
CA ASP C 371 1.76 6.50 -23.15
C ASP C 371 2.82 7.40 -22.53
N LEU C 372 2.48 8.01 -21.39
CA LEU C 372 3.37 8.98 -20.78
C LEU C 372 4.67 8.33 -20.30
N LYS C 373 4.59 7.10 -19.81
CA LYS C 373 5.80 6.39 -19.38
C LYS C 373 6.66 6.02 -20.58
N ALA C 374 6.05 5.40 -21.59
CA ALA C 374 6.74 4.93 -22.80
C ALA C 374 7.16 6.05 -23.73
N ALA C 375 7.01 7.32 -23.34
CA ALA C 375 7.45 8.44 -24.16
C ALA C 375 8.45 9.34 -23.43
N ALA C 376 8.95 8.90 -22.27
CA ALA C 376 9.90 9.63 -21.44
C ALA C 376 9.37 11.01 -21.04
N LEU C 377 8.05 11.19 -21.10
CA LEU C 377 7.41 12.46 -20.79
C LEU C 377 7.05 12.61 -19.33
N ASP C 378 7.48 11.69 -18.47
CA ASP C 378 7.14 11.79 -17.05
C ASP C 378 7.90 12.92 -16.33
N TRP C 379 8.63 13.75 -17.06
CA TRP C 379 9.08 15.05 -16.55
C TRP C 379 8.00 16.11 -16.68
N LEU C 380 6.81 15.72 -17.12
CA LEU C 380 5.76 16.65 -17.52
C LEU C 380 4.44 16.21 -16.93
N ILE C 381 4.12 14.93 -17.06
CA ILE C 381 2.95 14.32 -16.42
C ILE C 381 3.41 12.99 -15.84
N THR C 382 3.50 12.92 -14.52
CA THR C 382 3.94 11.71 -13.83
C THR C 382 3.01 11.44 -12.64
N ASP C 383 3.20 10.28 -12.03
CA ASP C 383 2.47 9.96 -10.80
C ASP C 383 2.96 10.86 -9.67
N SER C 384 2.01 11.48 -8.97
CA SER C 384 2.32 12.49 -7.95
C SER C 384 3.11 11.92 -6.77
N ARG C 385 3.28 10.60 -6.68
CA ARG C 385 3.89 9.96 -5.52
C ARG C 385 5.40 9.86 -5.62
N GLN C 386 6.02 10.46 -6.64
CA GLN C 386 7.47 10.39 -6.79
C GLN C 386 8.16 11.38 -5.87
N THR C 387 9.10 10.89 -5.06
CA THR C 387 9.95 11.79 -4.30
C THR C 387 11.06 12.37 -5.16
N ASP C 388 11.48 11.63 -6.19
CA ASP C 388 12.42 12.15 -7.18
C ASP C 388 11.70 13.21 -8.02
N ILE C 389 12.08 14.48 -7.84
CA ILE C 389 11.54 15.53 -8.69
C ILE C 389 12.13 15.31 -10.07
N GLN C 390 11.35 14.71 -10.97
CA GLN C 390 11.88 14.29 -12.26
C GLN C 390 11.97 15.49 -13.21
N LEU C 391 13.18 15.76 -13.67
CA LEU C 391 13.53 16.90 -14.48
C LEU C 391 13.65 16.50 -15.96
N SER C 392 13.69 17.53 -16.84
CA SER C 392 13.45 17.37 -18.27
C SER C 392 14.72 17.01 -19.04
N PRO C 393 14.57 16.42 -20.25
CA PRO C 393 15.74 16.09 -21.08
C PRO C 393 16.66 17.27 -21.34
N LEU C 394 16.14 18.50 -21.26
CA LEU C 394 17.00 19.66 -21.32
C LEU C 394 18.03 19.64 -20.20
N GLU C 395 17.57 19.41 -18.97
CA GLU C 395 18.49 19.40 -17.84
C GLU C 395 19.29 18.10 -17.75
N LEU C 396 18.72 16.97 -18.19
CA LEU C 396 19.51 15.74 -18.24
C LEU C 396 20.75 15.93 -19.10
N LYS C 397 20.63 16.70 -20.17
CA LYS C 397 21.79 17.07 -20.99
C LYS C 397 22.82 17.83 -20.15
N GLU C 398 22.41 18.98 -19.60
CA GLU C 398 23.35 19.85 -18.92
C GLU C 398 23.88 19.25 -17.61
N MET C 399 23.28 18.15 -17.14
CA MET C 399 23.82 17.47 -15.97
C MET C 399 25.11 16.74 -16.31
N MET C 400 25.26 16.26 -17.54
CA MET C 400 26.48 15.60 -18.00
C MET C 400 27.17 16.28 -19.17
N SER C 401 26.43 16.94 -20.05
CA SER C 401 27.04 17.61 -21.20
C SER C 401 27.72 18.90 -20.77
#